data_5CJQ
#
_entry.id   5CJQ
#
_cell.length_a   157.696
_cell.length_b   157.696
_cell.length_c   202.645
_cell.angle_alpha   90.00
_cell.angle_beta   90.00
_cell.angle_gamma   120.00
#
_symmetry.space_group_name_H-M   'H 3 2'
#
loop_
_entity.id
_entity.type
_entity.pdbx_description
1 polymer 'CR9114 light chain'
2 polymer 'CR9114 heavy chain'
3 polymer 'Designed influenza hemagglutinin stem #4900, HA1'
4 polymer 'Designed influenza hemagglutinin stem #4900, HA2'
#
loop_
_entity_poly.entity_id
_entity_poly.type
_entity_poly.pdbx_seq_one_letter_code
_entity_poly.pdbx_strand_id
1 'polypeptide(L)'
;SALTQPPAVSGTPGQRVTISCSGSDSNIGRRSVNWYQQFPGTAPKLLIYSNDQRPSVVPDRFSGSKSGTSASLAISGLQS
EDEAEYYCAAWDDSLKGAVFGGGTQLTVLGQPKAAPSVTLFPPSSEELQANKATLVCLISDFYPGAVTVAWKADSSPVKA
GVETTTPSKQSNNKYAASSYLSLTPEQWKSHRSYSCQVTHEGSTVEKTVAPTECS
;
L
2 'polypeptide(L)'
;QVQLVQSGAEVKKPGSSVKVSCKSSGGTSNNYAISWVRQAPGQGLDWMGGISPIFGSTAYAQKFQGRVTISADIFSNTAY
MELNSLTSEDTAVYFCARHGNYYYYSGMDVWGQGTTVTVSSASTKGPSVFPLAPSSKSTSGGTAALGCLVKDYFPEPVTV
SWNSGALTSGVHTFPAVLQSSGLYSLSSVVTVPSSSLGTQTYICNVNHKPSNTKVDKRVEPKSCHHHHHH
;
H
3 'polypeptide(L)' ADPGDTICIGYHANNSTDTVDTVLEKNVTVTHSVNLLENGGGGKYVCSAKLRMVTGLRNKPSKQSQ A
4 'polypeptide(L)'
;GLFGAIAGFTEGGWTGMVDGWYGYHHQNEQGSGYAADQKSTQNAINGITNKVNSVIEKMNTQYTAIGCEYNKSERCMKQI
EDKIEEIESKIWCYNAELLVLLENERTLDFHDSNVKNLYEKVKSQLKNNAKEIGNGCFEFYHKCNDECMESVKNGTYDYP
KYSEESKLNREKIDGVKLESMGVYQISGRLVPR
;
B
#
# COMPACT_ATOMS: atom_id res chain seq x y z
N SER A 1 -0.34 -0.54 -19.15
CA SER A 1 -0.32 0.62 -18.26
C SER A 1 -0.38 1.98 -19.00
N ALA A 2 -1.33 2.78 -18.54
CA ALA A 2 -1.81 4.06 -19.05
C ALA A 2 -0.92 5.32 -19.02
N LEU A 3 0.07 5.34 -18.15
CA LEU A 3 0.89 6.53 -17.91
C LEU A 3 2.35 6.36 -18.28
N THR A 4 2.89 7.42 -18.89
CA THR A 4 4.21 7.41 -19.52
C THR A 4 5.34 8.12 -18.81
N GLN A 5 6.34 7.32 -18.47
CA GLN A 5 7.53 7.84 -17.80
C GLN A 5 8.83 7.38 -18.46
N PRO A 6 9.85 8.25 -18.42
CA PRO A 6 11.15 7.82 -18.90
C PRO A 6 11.61 6.74 -17.94
N PRO A 7 12.26 5.68 -18.44
CA PRO A 7 12.73 4.50 -17.71
C PRO A 7 13.74 4.85 -16.61
N ALA A 8 14.62 5.80 -16.89
CA ALA A 8 15.66 6.19 -15.95
C ALA A 8 16.05 7.64 -16.17
N VAL A 9 16.41 8.28 -15.07
CA VAL A 9 16.99 9.62 -15.08
C VAL A 9 18.26 9.66 -14.22
N SER A 10 19.11 10.64 -14.51
CA SER A 10 20.37 10.88 -13.82
C SER A 10 20.44 12.39 -13.57
N GLY A 11 21.18 12.77 -12.53
CA GLY A 11 21.41 14.17 -12.22
C GLY A 11 22.69 14.37 -11.44
N THR A 12 23.29 15.57 -11.48
CA THR A 12 24.44 15.81 -10.62
C THR A 12 23.99 16.38 -9.28
N PRO A 13 24.84 16.22 -8.24
CA PRO A 13 24.31 16.74 -6.99
C PRO A 13 24.08 18.24 -7.20
N GLY A 14 22.98 18.78 -6.72
CA GLY A 14 22.75 20.21 -6.81
C GLY A 14 22.06 20.75 -8.05
N GLN A 15 21.97 19.94 -9.12
CA GLN A 15 21.32 20.41 -10.36
C GLN A 15 19.82 20.22 -10.37
N ARG A 16 19.12 20.87 -11.29
CA ARG A 16 17.69 20.58 -11.39
C ARG A 16 17.45 19.73 -12.63
N VAL A 17 16.75 18.63 -12.47
CA VAL A 17 16.40 17.76 -13.60
C VAL A 17 14.90 17.51 -13.49
N THR A 18 14.23 17.20 -14.59
CA THR A 18 12.77 16.98 -14.54
C THR A 18 12.29 15.66 -15.16
N ILE A 19 11.27 15.03 -14.56
CA ILE A 19 10.73 13.77 -15.12
C ILE A 19 9.27 13.99 -15.53
N SER A 20 8.98 13.55 -16.75
CA SER A 20 7.68 13.75 -17.40
C SER A 20 6.71 12.57 -17.34
N CYS A 21 5.42 12.85 -17.38
CA CYS A 21 4.41 11.80 -17.39
C CYS A 21 3.34 12.23 -18.41
N SER A 22 3.16 11.38 -19.42
CA SER A 22 2.18 11.58 -20.49
C SER A 22 1.06 10.56 -20.45
N GLY A 23 -0.16 11.06 -20.41
CA GLY A 23 -1.34 10.22 -20.37
C GLY A 23 -2.24 10.63 -21.50
N SER A 24 -3.45 10.11 -21.49
CA SER A 24 -4.43 10.44 -22.50
C SER A 24 -5.57 11.17 -21.84
N ASP A 25 -6.61 11.48 -22.61
CA ASP A 25 -7.73 12.22 -22.07
C ASP A 25 -8.41 11.37 -21.02
N SER A 26 -8.37 10.05 -21.15
CA SER A 26 -9.06 9.21 -20.17
C SER A 26 -8.49 9.31 -18.75
N ASN A 27 -7.22 9.62 -18.56
CA ASN A 27 -6.75 9.73 -17.17
C ASN A 27 -6.45 11.15 -16.69
N ILE A 28 -5.21 11.60 -16.81
CA ILE A 28 -4.74 12.93 -16.33
C ILE A 28 -5.59 14.06 -16.93
N GLY A 29 -6.02 13.84 -18.16
CA GLY A 29 -6.75 14.84 -18.90
C GLY A 29 -7.97 15.33 -18.16
N ARG A 30 -8.67 14.46 -17.43
CA ARG A 30 -9.82 14.99 -16.72
C ARG A 30 -9.72 14.86 -15.20
N ARG A 31 -8.68 14.21 -14.70
CA ARG A 31 -8.51 13.92 -13.27
C ARG A 31 -7.12 14.26 -12.70
N SER A 32 -7.01 14.37 -11.38
CA SER A 32 -5.72 14.68 -10.81
C SER A 32 -4.79 13.47 -10.81
N VAL A 33 -3.48 13.75 -10.76
CA VAL A 33 -2.43 12.74 -10.79
C VAL A 33 -1.68 12.66 -9.46
N ASN A 34 -1.40 11.47 -8.97
CA ASN A 34 -0.57 11.48 -7.79
C ASN A 34 0.72 10.79 -8.15
N TRP A 35 1.86 11.21 -7.61
CA TRP A 35 3.11 10.50 -7.90
C TRP A 35 3.75 10.02 -6.58
N TYR A 36 4.34 8.82 -6.61
CA TYR A 36 4.92 8.02 -5.51
C TYR A 36 6.44 7.74 -5.62
N GLN A 37 7.10 7.54 -4.47
CA GLN A 37 8.55 7.32 -4.35
C GLN A 37 8.89 5.96 -3.85
N GLN A 38 9.82 5.27 -4.50
CA GLN A 38 10.13 3.98 -3.94
C GLN A 38 11.62 3.78 -3.68
N PHE A 39 11.99 3.47 -2.43
CA PHE A 39 13.37 3.11 -2.21
C PHE A 39 13.27 1.57 -2.21
N PRO A 40 14.34 0.87 -2.60
CA PRO A 40 14.31 -0.59 -2.74
C PRO A 40 13.89 -1.40 -1.50
N GLY A 41 12.95 -2.33 -1.71
CA GLY A 41 12.50 -3.28 -0.69
C GLY A 41 11.57 -2.73 0.37
N THR A 42 11.18 -1.48 0.20
CA THR A 42 10.31 -0.82 1.16
C THR A 42 9.09 -0.24 0.49
N ALA A 43 8.09 0.12 1.27
CA ALA A 43 6.86 0.72 0.74
C ALA A 43 7.00 2.15 0.23
N PRO A 44 6.11 2.56 -0.71
CA PRO A 44 6.12 3.92 -1.27
C PRO A 44 5.72 5.06 -0.31
N LYS A 45 6.11 6.29 -0.64
CA LYS A 45 5.71 7.44 0.19
C LYS A 45 5.06 8.40 -0.82
N LEU A 46 3.99 9.07 -0.42
CA LEU A 46 3.31 10.04 -1.28
C LEU A 46 3.96 11.42 -1.30
N LEU A 47 4.35 11.92 -2.47
CA LEU A 47 5.05 13.21 -2.55
C LEU A 47 4.13 14.32 -2.96
N ILE A 48 3.34 14.11 -3.99
CA ILE A 48 2.45 15.16 -4.41
C ILE A 48 1.10 14.55 -4.79
N TYR A 49 0.06 15.31 -4.52
CA TYR A 49 -1.31 14.94 -4.81
C TYR A 49 -2.04 16.14 -5.37
N SER A 50 -3.14 15.91 -6.07
CA SER A 50 -3.90 17.00 -6.66
C SER A 50 -3.07 17.94 -7.53
N ASN A 51 -2.23 17.32 -8.36
CA ASN A 51 -1.38 17.97 -9.37
C ASN A 51 -0.15 18.70 -8.89
N ASP A 52 -0.34 19.69 -8.04
CA ASP A 52 0.72 20.58 -7.58
C ASP A 52 0.84 20.70 -6.05
N GLN A 53 -0.10 20.07 -5.34
CA GLN A 53 -0.19 20.11 -3.90
C GLN A 53 0.92 19.34 -3.20
N ARG A 54 1.50 19.86 -2.12
CA ARG A 54 2.60 19.14 -1.49
C ARG A 54 2.26 18.84 -0.01
N PRO A 55 2.48 17.56 0.42
CA PRO A 55 2.36 16.90 1.73
C PRO A 55 3.26 17.50 2.77
N SER A 56 2.88 17.38 4.05
CA SER A 56 3.63 18.02 5.13
C SER A 56 5.09 17.62 5.28
N VAL A 57 5.40 16.35 5.07
CA VAL A 57 6.78 15.90 5.25
C VAL A 57 7.76 16.26 4.12
N VAL A 58 7.21 16.51 2.93
CA VAL A 58 8.03 16.72 1.76
C VAL A 58 8.66 18.11 1.57
N PRO A 59 9.97 18.12 1.26
CA PRO A 59 10.81 19.29 1.02
C PRO A 59 10.29 20.11 -0.16
N ASP A 60 10.43 21.42 -0.10
CA ASP A 60 9.90 22.33 -1.12
C ASP A 60 10.59 22.13 -2.46
N ARG A 61 11.75 21.47 -2.43
CA ARG A 61 12.56 21.28 -3.62
C ARG A 61 11.85 20.44 -4.65
N PHE A 62 10.97 19.57 -4.18
CA PHE A 62 10.04 18.90 -5.05
C PHE A 62 8.91 19.87 -5.36
N SER A 63 8.54 20.10 -6.62
CA SER A 63 7.34 20.91 -6.86
C SER A 63 6.70 20.45 -8.15
N GLY A 64 5.40 20.66 -8.32
CA GLY A 64 4.75 20.16 -9.52
C GLY A 64 3.92 20.95 -10.49
N SER A 65 3.84 20.41 -11.71
CA SER A 65 2.96 21.00 -12.70
C SER A 65 2.46 19.87 -13.56
N LYS A 66 1.28 20.09 -14.12
CA LYS A 66 0.71 19.17 -15.08
C LYS A 66 0.04 20.07 -16.09
N SER A 67 0.23 19.69 -17.34
CA SER A 67 -0.45 20.36 -18.46
C SER A 67 -1.10 19.59 -19.60
N GLY A 68 -2.35 19.97 -19.86
CA GLY A 68 -3.07 19.34 -20.94
C GLY A 68 -3.21 17.88 -20.63
N THR A 69 -2.52 17.09 -21.45
CA THR A 69 -2.51 15.66 -21.30
C THR A 69 -1.23 15.05 -20.75
N SER A 70 -0.33 15.90 -20.28
CA SER A 70 0.91 15.45 -19.65
C SER A 70 1.35 16.04 -18.30
N ALA A 71 2.10 15.35 -17.45
CA ALA A 71 2.50 16.01 -16.22
C ALA A 71 4.02 15.81 -16.01
N SER A 72 4.66 16.73 -15.35
CA SER A 72 6.11 16.61 -15.11
C SER A 72 6.62 17.05 -13.72
N LEU A 73 7.56 16.32 -13.13
CA LEU A 73 8.15 16.82 -11.89
C LEU A 73 9.68 17.07 -11.75
N ALA A 74 10.03 18.28 -11.31
CA ALA A 74 11.36 18.83 -11.15
C ALA A 74 11.89 18.64 -9.72
N ILE A 75 13.12 18.14 -9.61
CA ILE A 75 13.80 18.02 -8.31
C ILE A 75 14.98 18.95 -8.34
N SER A 76 14.89 19.99 -7.53
CA SER A 76 15.97 20.95 -7.43
C SER A 76 16.97 20.66 -6.33
N GLY A 77 18.21 21.07 -6.58
CA GLY A 77 19.29 20.84 -5.67
C GLY A 77 19.29 19.33 -5.51
N LEU A 78 19.44 18.56 -6.60
CA LEU A 78 19.36 17.12 -6.44
C LEU A 78 20.43 16.69 -5.47
N GLN A 79 20.05 15.79 -4.57
CA GLN A 79 20.95 15.27 -3.57
C GLN A 79 20.98 13.74 -3.60
N SER A 80 22.04 13.17 -3.04
CA SER A 80 22.27 11.73 -3.06
C SER A 80 21.24 10.85 -2.34
N GLU A 81 20.64 11.32 -1.24
CA GLU A 81 19.65 10.53 -0.50
C GLU A 81 18.36 10.36 -1.29
N ASP A 82 18.22 11.20 -2.29
CA ASP A 82 17.07 11.21 -3.17
C ASP A 82 17.12 10.03 -4.13
N GLU A 83 18.19 9.25 -4.07
CA GLU A 83 18.30 8.19 -5.03
C GLU A 83 17.26 7.10 -4.84
N ALA A 84 16.33 7.05 -5.79
CA ALA A 84 15.21 6.12 -5.70
C ALA A 84 14.40 6.21 -6.97
N GLU A 85 13.38 5.36 -7.05
CA GLU A 85 12.47 5.39 -8.17
C GLU A 85 11.15 6.11 -7.78
N TYR A 86 10.61 6.99 -8.62
CA TYR A 86 9.35 7.71 -8.29
C TYR A 86 8.27 7.45 -9.39
N TYR A 87 7.02 7.19 -9.01
CA TYR A 87 5.95 6.84 -9.97
C TYR A 87 4.78 7.84 -10.08
N CYS A 88 4.41 8.17 -11.32
CA CYS A 88 3.17 8.92 -11.56
C CYS A 88 1.92 8.01 -11.39
N ALA A 89 0.80 8.61 -10.98
CA ALA A 89 -0.42 7.82 -10.82
C ALA A 89 -1.66 8.70 -11.10
N ALA A 90 -2.76 8.09 -11.53
CA ALA A 90 -3.99 8.86 -11.74
C ALA A 90 -5.24 8.00 -11.77
N TRP A 91 -6.42 8.59 -11.56
CA TRP A 91 -7.65 7.82 -11.78
C TRP A 91 -8.02 7.73 -13.26
N ASP A 92 -8.42 6.56 -13.75
CA ASP A 92 -8.82 6.49 -15.17
C ASP A 92 -10.32 6.17 -15.28
N ASP A 93 -11.11 7.05 -15.89
CA ASP A 93 -12.57 6.85 -15.98
C ASP A 93 -13.00 5.74 -16.94
N SER A 94 -12.21 5.51 -17.98
CA SER A 94 -12.49 4.42 -18.92
C SER A 94 -12.26 3.10 -18.24
N LEU A 95 -11.20 3.02 -17.49
CA LEU A 95 -10.90 1.79 -16.78
C LEU A 95 -11.74 1.71 -15.53
N LYS A 96 -12.18 2.88 -15.05
CA LYS A 96 -12.85 3.03 -13.77
C LYS A 96 -11.87 2.42 -12.79
N GLY A 97 -10.60 2.78 -12.94
CA GLY A 97 -9.53 2.26 -12.11
C GLY A 97 -8.33 3.20 -11.98
N ALA A 98 -7.54 2.97 -10.95
CA ALA A 98 -6.29 3.70 -10.75
C ALA A 98 -5.18 3.15 -11.63
N VAL A 99 -4.36 4.04 -12.19
CA VAL A 99 -3.27 3.65 -13.07
C VAL A 99 -1.94 4.21 -12.59
N PHE A 100 -0.86 3.55 -13.01
CA PHE A 100 0.46 3.96 -12.59
C PHE A 100 1.34 4.09 -13.83
N GLY A 101 2.35 4.94 -13.75
CA GLY A 101 3.35 5.00 -14.79
C GLY A 101 4.29 3.82 -14.71
N GLY A 102 5.06 3.60 -15.78
CA GLY A 102 5.99 2.49 -15.84
C GLY A 102 7.07 2.58 -14.79
N GLY A 103 7.30 3.80 -14.31
CA GLY A 103 8.34 4.06 -13.34
C GLY A 103 9.64 4.66 -13.85
N THR A 104 10.27 5.51 -13.05
CA THR A 104 11.51 6.15 -13.46
C THR A 104 12.55 6.00 -12.36
N GLN A 105 13.70 5.44 -12.72
CA GLN A 105 14.81 5.19 -11.80
C GLN A 105 15.80 6.35 -11.77
N LEU A 106 15.92 7.03 -10.63
CA LEU A 106 16.84 8.14 -10.55
C LEU A 106 18.21 7.75 -9.98
N THR A 107 19.23 8.21 -10.69
CA THR A 107 20.64 8.01 -10.35
C THR A 107 21.30 9.36 -10.07
N VAL A 108 22.05 9.44 -8.98
CA VAL A 108 22.83 10.64 -8.66
C VAL A 108 24.30 10.48 -9.02
N LEU A 109 24.80 11.37 -9.89
CA LEU A 109 26.16 11.28 -10.43
C LEU A 109 27.21 10.81 -9.41
N GLY A 110 27.47 9.51 -9.46
CA GLY A 110 28.31 8.81 -8.50
C GLY A 110 29.45 9.49 -7.75
N GLN A 111 29.77 8.90 -6.61
CA GLN A 111 30.89 9.31 -5.78
C GLN A 111 32.02 8.27 -5.87
N PRO A 112 33.25 8.70 -5.61
CA PRO A 112 34.40 7.85 -5.95
C PRO A 112 34.49 6.41 -5.45
N LYS A 113 35.34 5.68 -6.16
CA LYS A 113 35.58 4.27 -5.95
C LYS A 113 35.90 4.12 -4.49
N ALA A 114 35.25 3.11 -3.93
CA ALA A 114 35.39 2.63 -2.57
C ALA A 114 35.54 1.12 -2.57
N ALA A 115 36.63 0.64 -1.99
CA ALA A 115 36.91 -0.79 -1.91
C ALA A 115 36.13 -1.52 -0.81
N PRO A 116 35.88 -2.83 -1.06
CA PRO A 116 35.07 -3.66 -0.17
C PRO A 116 35.72 -4.13 1.11
N SER A 117 34.88 -4.43 2.10
CA SER A 117 35.37 -5.17 3.23
C SER A 117 34.86 -6.55 2.88
N VAL A 118 35.76 -7.52 2.84
CA VAL A 118 35.40 -8.88 2.52
C VAL A 118 35.55 -9.65 3.81
N THR A 119 34.56 -10.47 4.13
CA THR A 119 34.66 -11.33 5.28
C THR A 119 34.23 -12.74 4.97
N LEU A 120 35.11 -13.68 5.32
CA LEU A 120 34.84 -15.06 5.01
C LEU A 120 34.60 -15.75 6.34
N PHE A 121 33.49 -16.49 6.35
CA PHE A 121 32.96 -17.28 7.48
C PHE A 121 33.16 -18.77 7.32
N PRO A 122 33.68 -19.37 8.42
CA PRO A 122 33.93 -20.78 8.70
C PRO A 122 32.69 -21.64 8.96
N PRO A 123 32.88 -22.95 8.75
CA PRO A 123 31.79 -23.88 8.90
C PRO A 123 31.46 -23.65 10.35
N SER A 124 30.21 -23.63 10.77
CA SER A 124 30.08 -23.45 12.19
C SER A 124 30.44 -24.84 12.66
N SER A 125 30.95 -25.00 13.87
CA SER A 125 31.36 -26.34 14.25
C SER A 125 30.27 -27.40 14.28
N GLU A 126 29.07 -27.04 14.74
CA GLU A 126 27.94 -27.97 14.77
C GLU A 126 27.70 -28.45 13.34
N GLU A 127 27.83 -27.52 12.40
CA GLU A 127 27.53 -27.79 11.01
C GLU A 127 28.42 -28.88 10.41
N LEU A 128 29.71 -28.95 10.76
CA LEU A 128 30.49 -30.07 10.21
C LEU A 128 30.00 -31.38 10.81
N GLN A 129 29.66 -31.38 12.10
CA GLN A 129 29.04 -32.48 12.82
C GLN A 129 27.66 -32.90 12.21
N ALA A 130 26.94 -31.90 11.69
CA ALA A 130 25.66 -31.99 10.96
C ALA A 130 25.62 -32.58 9.53
N ASN A 131 26.79 -32.76 8.90
CA ASN A 131 27.08 -33.27 7.52
C ASN A 131 27.54 -32.15 6.58
N LYS A 132 28.00 -31.04 7.14
CA LYS A 132 27.87 -29.91 6.28
C LYS A 132 29.24 -29.26 6.10
N ALA A 133 29.55 -28.62 4.97
CA ALA A 133 30.51 -27.50 5.01
C ALA A 133 29.98 -26.37 4.07
N THR A 134 29.99 -25.13 4.54
CA THR A 134 29.67 -23.99 3.68
C THR A 134 30.62 -22.79 3.92
N LEU A 135 31.05 -22.09 2.88
CA LEU A 135 31.91 -20.93 3.16
C LEU A 135 31.10 -19.68 2.87
N VAL A 136 31.13 -18.67 3.73
CA VAL A 136 30.34 -17.54 3.33
C VAL A 136 31.35 -16.41 3.14
N CYS A 137 31.40 -15.85 1.94
CA CYS A 137 32.28 -14.72 1.64
C CYS A 137 31.29 -13.63 1.62
N LEU A 138 31.52 -12.64 2.45
CA LEU A 138 30.59 -11.56 2.51
C LEU A 138 31.40 -10.47 1.95
N ILE A 139 30.85 -9.90 0.89
CA ILE A 139 31.61 -8.90 0.22
C ILE A 139 30.65 -7.75 0.55
N SER A 140 31.27 -6.69 1.06
CA SER A 140 30.69 -5.50 1.73
C SER A 140 31.43 -4.24 1.34
N ASP A 141 30.90 -3.05 1.66
CA ASP A 141 31.68 -1.84 1.41
C ASP A 141 32.06 -1.56 -0.06
N PHE A 142 31.11 -1.64 -0.99
CA PHE A 142 31.46 -1.34 -2.38
C PHE A 142 30.80 -0.20 -3.11
N TYR A 143 31.58 0.54 -3.88
CA TYR A 143 30.96 1.56 -4.74
C TYR A 143 31.52 1.87 -6.11
N PRO A 144 30.75 1.99 -7.24
CA PRO A 144 29.39 1.82 -7.82
C PRO A 144 29.20 0.27 -8.11
N GLY A 145 28.01 -0.28 -8.37
CA GLY A 145 27.95 -1.75 -8.49
C GLY A 145 28.05 -2.99 -9.40
N ALA A 146 29.15 -3.36 -10.09
CA ALA A 146 29.11 -4.75 -10.66
C ALA A 146 30.57 -5.28 -10.78
N VAL A 147 30.88 -6.41 -10.10
CA VAL A 147 32.23 -7.01 -10.09
C VAL A 147 32.22 -8.57 -10.09
N THR A 148 33.38 -9.20 -10.33
CA THR A 148 33.49 -10.65 -10.23
C THR A 148 34.48 -11.23 -9.20
N VAL A 149 33.97 -12.26 -8.52
CA VAL A 149 34.66 -12.99 -7.48
C VAL A 149 34.92 -14.44 -7.95
N ALA A 150 36.18 -14.88 -7.83
CA ALA A 150 36.56 -16.24 -8.24
C ALA A 150 37.18 -16.87 -7.01
N TRP A 151 36.85 -18.14 -6.80
CA TRP A 151 37.27 -18.76 -5.55
C TRP A 151 38.29 -19.87 -5.78
N LYS A 152 39.27 -20.01 -4.89
CA LYS A 152 40.26 -21.09 -5.02
C LYS A 152 40.28 -22.06 -3.86
N ALA A 153 40.53 -23.30 -4.27
CA ALA A 153 40.86 -24.45 -3.47
C ALA A 153 42.35 -24.55 -3.75
N ASP A 154 43.12 -24.56 -2.67
CA ASP A 154 44.57 -24.32 -2.67
C ASP A 154 44.67 -22.95 -3.26
N SER A 155 45.38 -22.94 -4.39
CA SER A 155 45.53 -21.82 -5.26
C SER A 155 44.79 -22.10 -6.55
N SER A 156 43.98 -23.16 -6.57
CA SER A 156 43.27 -23.51 -7.79
C SER A 156 41.78 -23.24 -7.68
N PRO A 157 41.21 -22.65 -8.74
CA PRO A 157 39.81 -22.23 -8.78
C PRO A 157 38.80 -23.37 -8.71
N VAL A 158 37.62 -23.08 -8.15
CA VAL A 158 36.54 -24.05 -8.15
C VAL A 158 35.28 -23.46 -8.76
N LYS A 159 34.86 -24.07 -9.86
CA LYS A 159 33.63 -23.72 -10.57
C LYS A 159 32.42 -24.34 -9.90
N ALA A 160 32.58 -25.54 -9.36
CA ALA A 160 31.41 -26.27 -8.90
C ALA A 160 30.98 -25.76 -7.54
N GLY A 161 29.66 -25.62 -7.40
CA GLY A 161 29.01 -25.28 -6.16
C GLY A 161 29.01 -23.79 -5.86
N VAL A 162 29.52 -22.98 -6.79
CA VAL A 162 29.60 -21.54 -6.53
C VAL A 162 28.38 -20.79 -7.02
N GLU A 163 27.73 -20.09 -6.12
CA GLU A 163 26.59 -19.24 -6.42
C GLU A 163 26.82 -17.86 -5.80
N THR A 164 26.76 -16.85 -6.65
CA THR A 164 27.16 -15.49 -6.35
C THR A 164 25.96 -14.63 -6.63
N THR A 165 25.62 -13.82 -5.64
CA THR A 165 24.50 -12.92 -5.88
C THR A 165 24.86 -11.73 -6.75
N THR A 166 23.81 -11.18 -7.43
CA THR A 166 23.83 -9.92 -8.21
C THR A 166 23.69 -8.87 -7.07
N PRO A 167 24.31 -7.70 -7.20
CA PRO A 167 24.42 -6.68 -6.20
C PRO A 167 23.14 -5.99 -5.68
N SER A 168 23.25 -5.63 -4.41
CA SER A 168 22.18 -4.94 -3.72
C SER A 168 22.73 -3.75 -2.90
N LYS A 169 21.86 -2.78 -2.82
CA LYS A 169 22.05 -1.48 -2.18
C LYS A 169 22.10 -1.67 -0.65
N GLN A 170 23.00 -1.00 0.08
CA GLN A 170 22.98 -1.06 1.56
C GLN A 170 22.01 0.01 2.08
N SER A 171 21.73 0.14 3.37
CA SER A 171 20.85 1.26 3.72
C SER A 171 21.34 2.71 3.50
N ASN A 172 22.57 3.09 3.82
CA ASN A 172 22.92 4.48 3.48
C ASN A 172 23.28 4.48 1.98
N ASN A 173 22.92 3.35 1.32
CA ASN A 173 22.97 3.07 -0.14
C ASN A 173 24.17 2.53 -0.99
N LYS A 174 25.37 2.32 -0.50
CA LYS A 174 26.33 1.77 -1.48
C LYS A 174 26.13 0.23 -1.47
N TYR A 175 26.79 -0.51 -2.35
CA TYR A 175 26.47 -1.93 -2.43
C TYR A 175 27.36 -2.97 -1.77
N ALA A 176 26.71 -4.12 -1.57
CA ALA A 176 27.20 -5.36 -0.97
C ALA A 176 26.63 -6.54 -1.76
N ALA A 177 27.34 -7.67 -1.74
CA ALA A 177 26.89 -8.88 -2.42
C ALA A 177 27.29 -10.14 -1.69
N SER A 178 26.67 -11.25 -2.08
CA SER A 178 27.00 -12.47 -1.40
C SER A 178 27.29 -13.58 -2.38
N SER A 179 28.30 -14.37 -2.05
CA SER A 179 28.59 -15.57 -2.81
C SER A 179 28.82 -16.69 -1.79
N TYR A 180 28.37 -17.90 -2.11
CA TYR A 180 28.50 -19.01 -1.17
C TYR A 180 29.24 -20.18 -1.78
N LEU A 181 30.12 -20.79 -0.98
CA LEU A 181 30.74 -22.00 -1.47
C LEU A 181 30.26 -23.13 -0.58
N SER A 182 29.53 -23.97 -1.29
CA SER A 182 28.85 -25.15 -0.86
C SER A 182 29.78 -26.30 -0.99
N LEU A 183 29.89 -27.15 0.02
CA LEU A 183 30.54 -28.48 -0.09
C LEU A 183 31.04 -29.09 1.17
N THR A 184 31.07 -30.41 1.10
CA THR A 184 30.94 -31.41 2.15
C THR A 184 32.30 -31.47 2.83
N PRO A 185 32.34 -31.80 4.14
CA PRO A 185 33.53 -31.78 4.99
C PRO A 185 34.70 -32.56 4.39
N GLU A 186 34.49 -33.66 3.67
CA GLU A 186 35.61 -34.39 3.06
C GLU A 186 36.35 -33.44 2.13
N GLN A 187 35.59 -32.62 1.41
CA GLN A 187 36.19 -31.67 0.51
C GLN A 187 37.07 -30.77 1.42
N TRP A 188 36.50 -30.40 2.55
CA TRP A 188 37.14 -29.57 3.58
C TRP A 188 38.31 -30.19 4.38
N LYS A 189 38.11 -31.44 4.75
CA LYS A 189 39.08 -32.21 5.53
C LYS A 189 40.35 -32.29 4.73
N SER A 190 40.17 -32.50 3.44
CA SER A 190 41.23 -32.71 2.50
C SER A 190 42.10 -31.48 2.39
N HIS A 191 41.45 -30.33 2.30
CA HIS A 191 42.22 -29.15 1.97
C HIS A 191 43.10 -28.42 2.96
N ARG A 192 44.20 -28.02 2.36
CA ARG A 192 44.57 -26.64 2.21
C ARG A 192 44.06 -25.58 3.17
N SER A 193 43.57 -24.55 2.49
CA SER A 193 43.05 -23.32 3.02
C SER A 193 42.03 -22.90 2.01
N TYR A 194 41.10 -22.06 2.41
CA TYR A 194 40.22 -21.58 1.38
C TYR A 194 40.12 -20.11 1.30
N SER A 195 40.01 -19.68 0.07
CA SER A 195 40.03 -18.28 -0.16
C SER A 195 38.90 -17.87 -1.09
N CYS A 196 38.50 -16.62 -0.92
CA CYS A 196 37.50 -15.92 -1.71
C CYS A 196 38.25 -14.75 -2.30
N GLN A 197 38.27 -14.69 -3.61
CA GLN A 197 39.01 -13.58 -4.20
C GLN A 197 38.14 -12.49 -4.89
N VAL A 198 38.15 -11.25 -4.39
CA VAL A 198 37.35 -10.18 -4.98
C VAL A 198 38.30 -9.22 -5.69
N THR A 199 37.99 -8.91 -6.94
CA THR A 199 38.74 -8.00 -7.80
C THR A 199 37.78 -6.86 -8.15
N HIS A 200 38.06 -5.57 -7.91
CA HIS A 200 37.07 -4.51 -8.22
C HIS A 200 37.68 -3.47 -9.13
N GLU A 201 37.08 -3.28 -10.31
CA GLU A 201 37.56 -2.31 -11.30
C GLU A 201 39.02 -2.67 -11.61
N GLY A 202 39.25 -3.98 -11.67
CA GLY A 202 40.54 -4.57 -11.99
C GLY A 202 41.56 -4.80 -10.89
N SER A 203 41.19 -4.49 -9.66
CA SER A 203 42.09 -4.70 -8.53
C SER A 203 41.51 -5.70 -7.54
N THR A 204 42.32 -6.69 -7.16
CA THR A 204 41.85 -7.83 -6.35
C THR A 204 42.16 -7.89 -4.87
N VAL A 205 41.11 -8.16 -4.08
CA VAL A 205 41.25 -8.41 -2.65
C VAL A 205 40.87 -9.83 -2.26
N GLU A 206 41.70 -10.40 -1.39
CA GLU A 206 41.59 -11.76 -0.88
C GLU A 206 41.70 -11.94 0.65
N LYS A 207 40.87 -12.88 1.15
CA LYS A 207 40.93 -13.33 2.53
C LYS A 207 40.91 -14.87 2.46
N THR A 208 41.54 -15.49 3.46
CA THR A 208 41.70 -16.94 3.56
C THR A 208 41.37 -17.51 4.94
N VAL A 209 40.76 -18.69 4.89
CA VAL A 209 40.50 -19.49 6.10
C VAL A 209 41.06 -20.91 5.92
N ALA A 210 41.46 -21.50 7.04
CA ALA A 210 42.02 -22.84 7.07
C ALA A 210 41.29 -23.69 8.09
N PRO A 211 41.20 -25.01 7.84
CA PRO A 211 40.65 -25.96 8.82
C PRO A 211 41.59 -26.18 10.00
N GLN B 1 -1.78 8.06 15.70
CA GLN B 1 -0.63 7.51 14.98
C GLN B 1 -1.02 6.29 14.16
N VAL B 2 -1.74 6.46 13.05
CA VAL B 2 -2.07 5.25 12.32
C VAL B 2 -0.96 4.69 11.42
N GLN B 3 -0.85 3.37 11.46
CA GLN B 3 -0.04 2.55 10.58
C GLN B 3 -0.73 1.29 10.07
N LEU B 4 -0.49 0.91 8.84
CA LEU B 4 -1.08 -0.31 8.29
C LEU B 4 -0.10 -1.46 8.40
N VAL B 5 -0.54 -2.51 9.09
CA VAL B 5 0.30 -3.67 9.35
C VAL B 5 -0.32 -4.86 8.64
N GLN B 6 0.45 -5.39 7.69
CA GLN B 6 0.03 -6.46 6.80
C GLN B 6 0.51 -7.79 7.37
N SER B 7 -0.16 -8.87 6.99
CA SER B 7 0.24 -10.18 7.47
C SER B 7 1.59 -10.51 6.87
N GLY B 8 2.30 -11.48 7.42
CA GLY B 8 3.62 -11.77 6.90
C GLY B 8 3.55 -12.43 5.55
N ALA B 9 4.72 -12.63 4.93
CA ALA B 9 4.75 -13.18 3.60
C ALA B 9 4.23 -14.61 3.53
N GLU B 10 3.56 -14.96 2.45
CA GLU B 10 3.01 -16.30 2.29
C GLU B 10 3.51 -16.93 0.99
N VAL B 11 3.70 -18.23 0.97
CA VAL B 11 3.90 -18.89 -0.32
C VAL B 11 3.05 -20.11 -0.61
N LYS B 12 2.38 -20.07 -1.74
CA LYS B 12 1.47 -21.13 -2.10
C LYS B 12 1.77 -21.52 -3.54
N LYS B 13 1.49 -22.77 -3.87
CA LYS B 13 1.61 -23.32 -5.22
C LYS B 13 0.45 -22.84 -6.08
N PRO B 14 0.69 -22.73 -7.40
CA PRO B 14 -0.29 -22.24 -8.37
C PRO B 14 -1.63 -22.98 -8.36
N GLY B 15 -2.65 -22.21 -8.70
CA GLY B 15 -4.04 -22.65 -8.76
C GLY B 15 -4.68 -22.58 -7.39
N SER B 16 -3.88 -22.41 -6.35
CA SER B 16 -4.42 -22.25 -5.01
C SER B 16 -4.81 -20.79 -4.81
N SER B 17 -5.27 -20.43 -3.61
CA SER B 17 -5.66 -19.04 -3.33
C SER B 17 -5.00 -18.47 -2.08
N VAL B 18 -4.86 -17.15 -2.01
CA VAL B 18 -4.24 -16.55 -0.84
C VAL B 18 -5.02 -15.33 -0.35
N LYS B 19 -5.11 -15.16 0.97
CA LYS B 19 -5.80 -14.00 1.53
C LYS B 19 -4.81 -13.18 2.34
N VAL B 20 -4.75 -11.88 2.05
CA VAL B 20 -3.78 -11.01 2.70
C VAL B 20 -4.56 -10.00 3.52
N SER B 21 -4.05 -9.71 4.72
CA SER B 21 -4.76 -8.84 5.63
C SER B 21 -3.98 -7.54 5.82
N CYS B 22 -4.72 -6.46 6.04
CA CYS B 22 -4.10 -5.20 6.37
C CYS B 22 -4.81 -4.55 7.55
N LYS B 23 -4.15 -4.55 8.70
CA LYS B 23 -4.76 -4.05 9.93
C LYS B 23 -4.43 -2.59 10.16
N SER B 24 -5.45 -1.78 10.42
CA SER B 24 -5.21 -0.38 10.75
C SER B 24 -4.97 -0.31 12.25
N SER B 25 -3.72 -0.19 12.63
CA SER B 25 -3.34 -0.24 14.04
C SER B 25 -3.15 1.16 14.61
N GLY B 26 -3.71 1.42 15.78
CA GLY B 26 -3.67 2.74 16.37
C GLY B 26 -4.85 3.61 16.01
N GLY B 27 -5.82 3.03 15.32
CA GLY B 27 -7.03 3.75 14.93
C GLY B 27 -7.79 3.02 13.84
N THR B 28 -8.85 3.65 13.33
CA THR B 28 -9.60 3.06 12.23
C THR B 28 -9.39 3.78 10.90
N SER B 29 -9.56 3.06 9.80
CA SER B 29 -9.44 3.67 8.49
C SER B 29 -10.75 3.49 7.74
N ASN B 30 -11.78 3.07 8.46
CA ASN B 30 -13.06 2.73 7.85
C ASN B 30 -13.68 3.89 7.06
N ASN B 31 -13.37 5.11 7.49
CA ASN B 31 -13.86 6.30 6.82
C ASN B 31 -12.98 6.67 5.64
N TYR B 32 -12.01 5.83 5.34
CA TYR B 32 -11.12 6.02 4.21
C TYR B 32 -11.25 4.91 3.19
N ALA B 33 -10.89 5.20 1.95
CA ALA B 33 -10.79 4.16 0.95
C ALA B 33 -9.41 3.54 1.12
N ILE B 34 -9.35 2.23 1.02
CA ILE B 34 -8.08 1.55 1.06
C ILE B 34 -7.95 0.76 -0.22
N SER B 35 -6.78 0.84 -0.83
CA SER B 35 -6.58 0.17 -2.10
C SER B 35 -5.50 -0.89 -1.98
N TRP B 36 -5.55 -1.85 -2.89
CA TRP B 36 -4.50 -2.84 -2.93
C TRP B 36 -3.78 -2.64 -4.24
N VAL B 37 -2.46 -2.53 -4.13
CA VAL B 37 -1.62 -2.27 -5.28
C VAL B 37 -0.49 -3.26 -5.19
N ARG B 38 -0.11 -3.83 -6.32
CA ARG B 38 0.90 -4.85 -6.27
C ARG B 38 2.12 -4.44 -7.06
N GLN B 39 3.28 -4.83 -6.56
CA GLN B 39 4.49 -4.55 -7.29
C GLN B 39 5.21 -5.88 -7.46
N ALA B 40 5.37 -6.29 -8.70
CA ALA B 40 6.11 -7.50 -8.98
C ALA B 40 7.56 -7.06 -8.87
N PRO B 41 8.46 -7.99 -8.59
CA PRO B 41 9.88 -7.64 -8.38
C PRO B 41 10.52 -6.87 -9.53
N GLY B 42 11.03 -5.68 -9.24
CA GLY B 42 11.63 -4.83 -10.26
C GLY B 42 10.67 -4.32 -11.32
N GLN B 43 9.41 -4.19 -10.95
CA GLN B 43 8.37 -3.82 -11.89
C GLN B 43 7.58 -2.63 -11.35
N GLY B 44 6.75 -2.03 -12.19
CA GLY B 44 5.96 -0.89 -11.77
C GLY B 44 4.79 -1.24 -10.86
N LEU B 45 4.15 -0.22 -10.32
CA LEU B 45 2.95 -0.39 -9.51
C LEU B 45 1.73 -0.77 -10.32
N ASP B 46 0.89 -1.62 -9.75
CA ASP B 46 -0.32 -2.08 -10.43
C ASP B 46 -1.50 -2.03 -9.47
N TRP B 47 -2.52 -1.29 -9.84
CA TRP B 47 -3.70 -1.15 -8.99
C TRP B 47 -4.51 -2.41 -9.12
N MET B 48 -4.89 -3.00 -8.01
CA MET B 48 -5.74 -4.19 -8.03
C MET B 48 -7.19 -3.84 -7.77
N GLY B 49 -7.41 -2.87 -6.89
CA GLY B 49 -8.74 -2.53 -6.48
C GLY B 49 -8.74 -1.88 -5.11
N GLY B 50 -9.92 -1.56 -4.60
CA GLY B 50 -10.02 -0.85 -3.35
C GLY B 50 -11.38 -1.04 -2.68
N ILE B 51 -11.46 -0.67 -1.42
CA ILE B 51 -12.71 -0.73 -0.69
C ILE B 51 -12.88 0.46 0.25
N SER B 52 -14.09 0.99 0.30
CA SER B 52 -14.40 2.03 1.27
C SER B 52 -15.62 1.56 2.06
N PRO B 53 -15.37 0.96 3.23
CA PRO B 53 -16.35 0.15 3.95
C PRO B 53 -17.56 0.96 4.43
N ILE B 54 -17.33 2.15 4.97
CA ILE B 54 -18.45 2.95 5.45
C ILE B 54 -19.15 3.60 4.26
N PHE B 55 -18.37 4.07 3.29
CA PHE B 55 -18.97 4.67 2.10
C PHE B 55 -19.76 3.65 1.32
N GLY B 56 -19.23 2.44 1.26
CA GLY B 56 -19.89 1.35 0.60
C GLY B 56 -19.41 0.98 -0.78
N SER B 57 -18.20 1.41 -1.14
CA SER B 57 -17.70 1.11 -2.46
C SER B 57 -16.64 0.03 -2.39
N THR B 58 -16.72 -0.92 -3.32
CA THR B 58 -15.64 -1.85 -3.54
C THR B 58 -15.31 -1.86 -5.02
N ALA B 59 -14.06 -1.58 -5.35
CA ALA B 59 -13.67 -1.40 -6.74
C ALA B 59 -12.57 -2.37 -7.11
N TYR B 60 -12.54 -2.77 -8.38
CA TYR B 60 -11.55 -3.72 -8.87
C TYR B 60 -10.89 -3.24 -10.14
N ALA B 61 -9.60 -3.55 -10.30
CA ALA B 61 -8.94 -3.31 -11.58
C ALA B 61 -9.54 -4.25 -12.60
N GLN B 62 -9.57 -3.81 -13.85
CA GLN B 62 -10.21 -4.61 -14.88
C GLN B 62 -9.52 -5.95 -15.14
N LYS B 63 -8.19 -5.94 -15.15
CA LYS B 63 -7.44 -7.17 -15.41
C LYS B 63 -7.63 -8.20 -14.31
N PHE B 64 -7.77 -7.72 -13.08
CA PHE B 64 -7.91 -8.61 -11.94
C PHE B 64 -9.37 -8.88 -11.57
N GLN B 65 -10.29 -8.37 -12.38
CA GLN B 65 -11.72 -8.54 -12.11
C GLN B 65 -12.17 -10.00 -12.14
N GLY B 66 -12.93 -10.42 -11.12
CA GLY B 66 -13.45 -11.77 -11.11
C GLY B 66 -12.52 -12.76 -10.47
N ARG B 67 -11.29 -12.34 -10.22
CA ARG B 67 -10.28 -13.21 -9.66
C ARG B 67 -9.89 -12.72 -8.27
N VAL B 68 -10.22 -11.47 -7.98
CA VAL B 68 -9.78 -10.88 -6.73
C VAL B 68 -11.01 -10.47 -5.93
N THR B 69 -10.94 -10.67 -4.62
CA THR B 69 -12.00 -10.24 -3.73
C THR B 69 -11.42 -9.39 -2.63
N ILE B 70 -11.92 -8.17 -2.48
CA ILE B 70 -11.40 -7.26 -1.49
C ILE B 70 -12.48 -7.04 -0.44
N SER B 71 -12.10 -7.16 0.83
CA SER B 71 -13.05 -7.05 1.91
C SER B 71 -12.46 -6.33 3.10
N ALA B 72 -13.33 -5.87 3.99
CA ALA B 72 -12.91 -5.15 5.17
C ALA B 72 -13.71 -5.61 6.37
N ASP B 73 -13.08 -5.64 7.53
CA ASP B 73 -13.79 -5.84 8.78
C ASP B 73 -13.74 -4.56 9.58
N ILE B 74 -14.87 -3.90 9.70
CA ILE B 74 -14.92 -2.60 10.36
C ILE B 74 -14.57 -2.69 11.84
N PHE B 75 -14.91 -3.82 12.46
CA PHE B 75 -14.68 -4.03 13.88
C PHE B 75 -13.22 -4.09 14.20
N SER B 76 -12.49 -4.81 13.36
CA SER B 76 -11.07 -5.03 13.61
C SER B 76 -10.20 -4.02 12.89
N ASN B 77 -10.83 -3.12 12.13
CA ASN B 77 -10.09 -2.12 11.35
C ASN B 77 -9.12 -2.78 10.39
N THR B 78 -9.53 -3.92 9.85
CA THR B 78 -8.66 -4.68 8.99
C THR B 78 -9.32 -4.92 7.64
N ALA B 79 -8.53 -4.76 6.59
CA ALA B 79 -9.01 -4.96 5.24
C ALA B 79 -8.31 -6.17 4.69
N TYR B 80 -9.01 -6.91 3.86
CA TYR B 80 -8.46 -8.15 3.35
C TYR B 80 -8.47 -8.19 1.84
N MET B 81 -7.45 -8.85 1.28
CA MET B 81 -7.42 -9.05 -0.16
C MET B 81 -7.17 -10.52 -0.40
N GLU B 82 -7.95 -11.10 -1.30
CA GLU B 82 -7.82 -12.51 -1.59
C GLU B 82 -7.75 -12.72 -3.09
N LEU B 83 -6.74 -13.46 -3.55
CA LEU B 83 -6.56 -13.69 -4.96
C LEU B 83 -6.66 -15.18 -5.21
N ASN B 84 -7.18 -15.54 -6.38
CA ASN B 84 -7.48 -16.93 -6.67
C ASN B 84 -6.78 -17.39 -7.94
N SER B 85 -6.69 -18.70 -8.12
CA SER B 85 -6.11 -19.27 -9.34
C SER B 85 -4.73 -18.69 -9.56
N LEU B 86 -3.88 -18.78 -8.55
CA LEU B 86 -2.55 -18.21 -8.63
C LEU B 86 -1.73 -18.84 -9.76
N THR B 87 -0.94 -18.02 -10.43
CA THR B 87 0.04 -18.51 -11.40
C THR B 87 1.38 -17.84 -11.11
N SER B 88 2.42 -18.18 -11.87
CA SER B 88 3.74 -17.60 -11.59
C SER B 88 3.75 -16.07 -11.73
N GLU B 89 2.94 -15.50 -12.61
CA GLU B 89 2.94 -14.04 -12.74
C GLU B 89 2.38 -13.35 -11.53
N ASP B 90 1.73 -14.11 -10.65
CA ASP B 90 1.15 -13.47 -9.49
C ASP B 90 2.14 -13.38 -8.36
N THR B 91 3.34 -13.92 -8.57
CA THR B 91 4.38 -13.80 -7.58
C THR B 91 4.74 -12.32 -7.51
N ALA B 92 4.70 -11.73 -6.32
CA ALA B 92 4.93 -10.29 -6.19
C ALA B 92 4.97 -9.86 -4.74
N VAL B 93 5.15 -8.56 -4.54
CA VAL B 93 4.99 -7.96 -3.23
C VAL B 93 3.70 -7.16 -3.25
N TYR B 94 2.87 -7.38 -2.24
CA TYR B 94 1.56 -6.75 -2.20
C TYR B 94 1.48 -5.74 -1.07
N PHE B 95 1.05 -4.54 -1.41
CA PHE B 95 0.93 -3.45 -0.46
C PHE B 95 -0.53 -3.15 -0.21
N CYS B 96 -0.82 -2.64 0.98
CA CYS B 96 -2.11 -2.03 1.22
C CYS B 96 -1.86 -0.54 1.41
N ALA B 97 -2.78 0.27 0.90
CA ALA B 97 -2.63 1.72 0.95
C ALA B 97 -3.94 2.43 1.21
N ARG B 98 -3.85 3.50 1.98
CA ARG B 98 -4.98 4.33 2.33
C ARG B 98 -5.04 5.59 1.49
N HIS B 99 -6.19 5.87 0.89
CA HIS B 99 -6.29 7.10 0.13
C HIS B 99 -6.38 8.29 1.09
N GLY B 100 -6.30 9.50 0.54
CA GLY B 100 -6.48 10.72 1.31
C GLY B 100 -7.90 10.88 1.84
N ASN B 101 -8.86 10.27 1.13
CA ASN B 101 -10.26 10.39 1.48
C ASN B 101 -11.03 9.08 1.35
N TYR B 102 -12.35 9.16 1.31
CA TYR B 102 -13.19 7.98 1.17
C TYR B 102 -13.09 7.34 -0.20
N TYR B 103 -12.42 8.01 -1.14
CA TYR B 103 -12.43 7.57 -2.53
C TYR B 103 -11.03 7.43 -3.14
N TYR B 104 -10.99 6.82 -4.31
CA TYR B 104 -9.73 6.37 -4.91
C TYR B 104 -9.00 7.43 -5.73
N TYR B 105 -9.58 8.61 -5.88
CA TYR B 105 -8.91 9.65 -6.66
C TYR B 105 -7.74 10.19 -5.86
N SER B 106 -7.96 10.30 -4.55
CA SER B 106 -7.02 10.89 -3.61
C SER B 106 -5.76 10.05 -3.46
N GLY B 107 -4.68 10.71 -3.09
CA GLY B 107 -3.38 10.07 -2.91
C GLY B 107 -3.40 9.07 -1.75
N MET B 108 -2.55 8.06 -1.90
CA MET B 108 -2.40 6.99 -0.95
C MET B 108 -1.31 7.38 0.02
N ASP B 109 -1.74 7.64 1.25
CA ASP B 109 -0.88 8.30 2.24
C ASP B 109 -0.28 7.51 3.44
N VAL B 110 -0.80 6.32 3.67
CA VAL B 110 -0.24 5.44 4.70
C VAL B 110 0.05 4.10 4.04
N TRP B 111 1.25 3.57 4.14
CA TRP B 111 1.54 2.38 3.36
C TRP B 111 1.98 1.29 4.31
N GLY B 112 1.53 0.08 3.99
CA GLY B 112 1.91 -1.09 4.75
C GLY B 112 3.33 -1.45 4.45
N GLN B 113 3.88 -2.35 5.27
CA GLN B 113 5.25 -2.80 5.11
C GLN B 113 5.39 -3.58 3.82
N GLY B 114 4.28 -4.12 3.33
CA GLY B 114 4.32 -4.91 2.12
C GLY B 114 4.34 -6.36 2.47
N THR B 115 3.69 -7.19 1.67
CA THR B 115 3.71 -8.61 1.95
C THR B 115 4.13 -9.33 0.70
N THR B 116 5.11 -10.22 0.85
CA THR B 116 5.63 -10.94 -0.29
C THR B 116 4.80 -12.20 -0.48
N VAL B 117 4.36 -12.41 -1.71
CA VAL B 117 3.62 -13.63 -1.99
C VAL B 117 4.32 -14.29 -3.16
N THR B 118 4.67 -15.55 -2.97
CA THR B 118 5.45 -16.28 -3.96
C THR B 118 4.69 -17.48 -4.50
N VAL B 119 4.56 -17.55 -5.81
CA VAL B 119 3.85 -18.66 -6.41
C VAL B 119 4.91 -19.60 -6.97
N SER B 120 5.05 -20.77 -6.35
CA SER B 120 6.00 -21.76 -6.84
C SER B 120 5.46 -23.18 -6.69
N SER B 121 5.67 -24.02 -7.67
CA SER B 121 5.41 -25.42 -7.43
C SER B 121 6.46 -25.68 -6.37
N ALA B 122 6.05 -26.20 -5.22
CA ALA B 122 7.02 -26.44 -4.16
C ALA B 122 6.45 -26.98 -2.86
N SER B 123 7.34 -27.47 -2.01
CA SER B 123 6.97 -27.99 -0.71
C SER B 123 7.79 -27.27 0.31
N THR B 124 7.11 -26.49 1.14
CA THR B 124 7.80 -25.65 2.13
C THR B 124 8.62 -26.46 3.13
N LYS B 125 9.86 -26.04 3.34
CA LYS B 125 10.73 -26.64 4.36
C LYS B 125 11.36 -25.52 5.20
N GLY B 126 11.64 -25.82 6.47
CA GLY B 126 12.29 -24.87 7.36
C GLY B 126 13.80 -24.75 7.41
N PRO B 127 14.29 -23.53 7.65
CA PRO B 127 15.73 -23.27 7.75
C PRO B 127 16.37 -23.77 9.04
N SER B 128 17.65 -24.09 8.94
CA SER B 128 18.51 -24.39 10.08
C SER B 128 19.53 -23.28 10.28
N VAL B 129 19.67 -22.73 11.49
CA VAL B 129 20.60 -21.61 11.65
C VAL B 129 21.83 -22.05 12.43
N PHE B 130 22.98 -21.54 11.98
CA PHE B 130 24.24 -21.90 12.59
C PHE B 130 25.02 -20.59 12.76
N PRO B 131 25.71 -20.42 13.92
CA PRO B 131 26.46 -19.18 14.18
C PRO B 131 27.66 -18.95 13.33
N LEU B 132 27.93 -17.72 12.95
CA LEU B 132 29.17 -17.39 12.27
C LEU B 132 30.12 -16.67 13.24
N ALA B 133 31.12 -17.40 13.74
CA ALA B 133 31.98 -16.91 14.82
C ALA B 133 32.83 -15.70 14.42
N PRO B 134 33.02 -14.77 15.38
CA PRO B 134 33.77 -13.54 15.15
C PRO B 134 35.25 -13.83 14.83
N SER B 135 35.43 -14.63 13.78
CA SER B 135 36.72 -15.08 13.29
C SER B 135 37.53 -13.96 12.64
N SER B 136 36.81 -13.07 11.94
CA SER B 136 37.50 -12.10 11.11
C SER B 136 37.37 -10.67 11.64
N LYS B 137 38.04 -9.74 10.95
CA LYS B 137 38.21 -8.36 11.42
C LYS B 137 38.53 -7.41 10.28
N GLY B 142 39.72 -2.45 16.24
CA GLY B 142 38.57 -1.91 16.94
C GLY B 142 37.24 -2.41 16.39
N THR B 143 37.30 -3.21 15.33
CA THR B 143 36.10 -3.73 14.70
C THR B 143 36.14 -5.25 14.48
N ALA B 144 34.98 -5.92 14.52
CA ALA B 144 34.94 -7.37 14.38
C ALA B 144 33.71 -7.77 13.56
N ALA B 145 33.65 -9.00 13.06
CA ALA B 145 32.47 -9.45 12.30
C ALA B 145 31.90 -10.76 12.81
N LEU B 146 30.57 -10.81 12.98
CA LEU B 146 29.93 -12.04 13.41
C LEU B 146 28.64 -12.27 12.62
N GLY B 147 28.18 -13.51 12.57
CA GLY B 147 26.97 -13.74 11.82
C GLY B 147 26.27 -15.05 12.09
N CYS B 148 25.18 -15.22 11.36
CA CYS B 148 24.35 -16.42 11.38
C CYS B 148 24.17 -16.89 9.96
N LEU B 149 24.28 -18.19 9.78
CA LEU B 149 24.03 -18.76 8.48
C LEU B 149 22.66 -19.44 8.49
N VAL B 150 21.82 -19.01 7.56
CA VAL B 150 20.48 -19.54 7.34
C VAL B 150 20.51 -20.48 6.15
N LYS B 151 20.21 -21.74 6.43
CA LYS B 151 20.46 -22.88 5.61
C LYS B 151 19.15 -23.53 5.25
N ASP B 152 19.00 -23.90 3.99
CA ASP B 152 17.97 -24.82 3.51
C ASP B 152 16.55 -24.33 3.80
N TYR B 153 16.16 -23.22 3.20
CA TYR B 153 14.78 -22.85 3.44
C TYR B 153 13.99 -22.61 2.18
N PHE B 154 12.77 -23.11 2.23
CA PHE B 154 11.85 -22.93 1.14
C PHE B 154 10.48 -22.67 1.66
N PRO B 155 9.78 -21.80 0.98
CA PRO B 155 10.28 -20.86 -0.04
C PRO B 155 10.61 -19.49 0.60
N GLU B 156 10.95 -18.49 -0.20
CA GLU B 156 11.20 -17.13 0.28
C GLU B 156 9.96 -16.46 0.87
N PRO B 157 10.13 -15.56 1.86
CA PRO B 157 11.35 -14.87 2.33
C PRO B 157 11.57 -14.99 3.81
N VAL B 158 12.80 -14.77 4.26
CA VAL B 158 13.07 -14.82 5.69
C VAL B 158 13.55 -13.53 6.33
N THR B 159 13.06 -13.26 7.52
CA THR B 159 13.44 -12.05 8.24
C THR B 159 14.42 -12.40 9.35
N VAL B 160 15.43 -11.56 9.52
CA VAL B 160 16.45 -11.79 10.53
C VAL B 160 16.61 -10.51 11.34
N SER B 161 16.69 -10.67 12.66
CA SER B 161 16.93 -9.55 13.55
C SER B 161 17.91 -10.11 14.57
N TRP B 162 18.58 -9.25 15.31
CA TRP B 162 19.55 -9.71 16.29
C TRP B 162 19.19 -9.28 17.71
N ASN B 163 19.20 -10.21 18.67
CA ASN B 163 18.88 -9.86 20.06
C ASN B 163 17.54 -9.16 20.24
N SER B 164 16.49 -9.67 19.61
CA SER B 164 15.15 -9.09 19.73
C SER B 164 14.96 -7.67 19.16
N GLY B 165 15.78 -7.27 18.19
CA GLY B 165 15.62 -5.99 17.53
C GLY B 165 16.29 -4.85 18.27
N ALA B 166 16.90 -5.25 19.39
CA ALA B 166 17.72 -4.45 20.30
C ALA B 166 19.00 -4.00 19.65
N LEU B 167 19.49 -4.85 18.75
CA LEU B 167 20.73 -4.68 18.00
C LEU B 167 20.32 -4.09 16.64
N THR B 168 20.83 -2.87 16.43
CA THR B 168 20.57 -1.97 15.30
C THR B 168 21.73 -1.44 14.44
N SER B 169 22.92 -1.34 14.98
CA SER B 169 24.03 -0.71 14.25
C SER B 169 24.96 -1.64 13.45
N GLY B 170 25.30 -1.28 12.21
CA GLY B 170 26.28 -2.06 11.48
C GLY B 170 25.87 -3.46 11.04
N VAL B 171 24.57 -3.70 10.96
CA VAL B 171 24.06 -5.03 10.64
C VAL B 171 23.67 -4.96 9.20
N HIS B 172 24.15 -5.94 8.45
CA HIS B 172 23.70 -6.10 7.10
C HIS B 172 23.32 -7.54 6.91
N THR B 173 22.11 -7.70 6.40
CA THR B 173 21.56 -9.00 6.07
C THR B 173 21.48 -9.16 4.55
N PHE B 174 22.13 -10.21 4.07
CA PHE B 174 22.30 -10.47 2.63
C PHE B 174 21.09 -10.96 1.84
N PRO B 175 21.10 -10.77 0.52
CA PRO B 175 20.11 -11.44 -0.31
C PRO B 175 20.34 -12.95 -0.29
N ALA B 176 19.29 -13.73 -0.49
CA ALA B 176 19.40 -15.18 -0.58
C ALA B 176 20.02 -15.62 -1.90
N VAL B 177 20.50 -16.86 -1.93
CA VAL B 177 20.91 -17.41 -3.22
C VAL B 177 20.03 -18.63 -3.46
N LEU B 178 19.62 -18.89 -4.69
CA LEU B 178 18.89 -20.08 -4.99
C LEU B 178 19.86 -21.09 -5.54
N GLN B 179 20.02 -22.19 -4.82
CA GLN B 179 21.04 -23.26 -5.17
C GLN B 179 20.54 -24.11 -6.27
N SER B 180 21.38 -24.95 -6.85
CA SER B 180 20.94 -25.91 -7.91
C SER B 180 19.85 -26.89 -7.45
N SER B 181 19.92 -27.29 -6.20
CA SER B 181 18.91 -28.18 -5.61
C SER B 181 17.57 -27.45 -5.53
N GLY B 182 17.61 -26.12 -5.64
CA GLY B 182 16.42 -25.32 -5.56
C GLY B 182 16.07 -24.70 -4.22
N LEU B 183 16.98 -24.78 -3.25
CA LEU B 183 16.73 -24.22 -1.93
C LEU B 183 17.57 -22.95 -1.66
N TYR B 184 16.93 -22.00 -0.98
CA TYR B 184 17.54 -20.75 -0.56
C TYR B 184 18.46 -20.97 0.63
N SER B 185 19.48 -20.13 0.71
CA SER B 185 20.36 -20.05 1.85
C SER B 185 20.80 -18.61 2.05
N LEU B 186 21.09 -18.25 3.29
CA LEU B 186 21.59 -16.91 3.52
C LEU B 186 22.44 -16.72 4.76
N SER B 187 23.11 -15.57 4.79
CA SER B 187 23.97 -15.27 5.89
C SER B 187 23.54 -13.89 6.35
N SER B 188 23.63 -13.62 7.64
CA SER B 188 23.41 -12.28 8.15
C SER B 188 24.61 -11.89 9.00
N VAL B 189 25.10 -10.67 8.83
CA VAL B 189 26.30 -10.29 9.53
C VAL B 189 26.14 -8.93 10.16
N VAL B 190 26.83 -8.70 11.27
CA VAL B 190 26.90 -7.34 11.74
C VAL B 190 28.29 -7.05 12.21
N THR B 191 28.76 -5.85 11.90
CA THR B 191 30.08 -5.54 12.38
C THR B 191 29.84 -4.60 13.54
N VAL B 192 30.42 -4.95 14.68
CA VAL B 192 30.19 -4.25 15.94
C VAL B 192 31.62 -4.13 16.51
N PRO B 193 31.91 -3.23 17.46
CA PRO B 193 33.26 -3.25 18.05
C PRO B 193 33.73 -4.44 18.94
N SER B 194 35.01 -4.55 18.66
CA SER B 194 35.99 -5.49 19.09
C SER B 194 36.10 -5.24 20.58
N SER B 195 35.82 -4.03 21.03
CA SER B 195 35.98 -3.76 22.45
C SER B 195 35.16 -4.64 23.39
N SER B 196 33.92 -4.96 23.08
CA SER B 196 33.11 -5.73 24.08
C SER B 196 33.46 -7.30 24.02
N LEU B 197 34.36 -7.72 23.12
CA LEU B 197 34.67 -9.12 22.79
C LEU B 197 34.05 -10.25 23.61
N GLY B 198 34.79 -10.48 24.66
CA GLY B 198 34.61 -11.44 25.68
C GLY B 198 33.45 -11.33 26.65
N THR B 199 33.12 -10.11 27.07
CA THR B 199 32.07 -9.95 28.05
C THR B 199 30.66 -10.10 27.45
N GLN B 200 30.41 -9.48 26.31
CA GLN B 200 29.06 -9.24 25.83
C GLN B 200 28.73 -10.19 24.66
N THR B 201 27.52 -10.73 24.74
CA THR B 201 26.92 -11.75 23.88
C THR B 201 25.98 -11.24 22.78
N TYR B 202 25.99 -11.97 21.66
CA TYR B 202 25.21 -11.70 20.44
C TYR B 202 24.40 -12.94 20.15
N ILE B 203 23.14 -12.60 19.90
CA ILE B 203 22.00 -13.45 19.72
C ILE B 203 21.21 -13.13 18.44
N CYS B 204 20.87 -14.19 17.71
CA CYS B 204 20.17 -14.07 16.43
C CYS B 204 18.72 -14.45 16.23
N ASN B 205 17.92 -13.57 15.63
CA ASN B 205 16.53 -13.98 15.46
C ASN B 205 16.16 -14.32 13.99
N VAL B 206 15.81 -15.55 13.64
CA VAL B 206 15.54 -15.75 12.21
C VAL B 206 14.07 -16.23 12.10
N ASN B 207 13.19 -15.54 11.38
CA ASN B 207 11.84 -16.06 11.12
C ASN B 207 11.26 -16.11 9.69
N HIS B 208 10.76 -17.23 9.20
CA HIS B 208 10.07 -17.08 7.91
C HIS B 208 8.81 -17.96 7.80
N LYS B 209 7.70 -17.26 7.94
CA LYS B 209 6.29 -17.66 8.03
C LYS B 209 5.82 -18.88 7.18
N PRO B 210 6.22 -19.02 5.90
CA PRO B 210 5.71 -20.15 5.11
C PRO B 210 6.06 -21.45 5.82
N SER B 211 7.22 -21.43 6.48
CA SER B 211 7.72 -22.55 7.27
C SER B 211 7.23 -22.39 8.71
N ASN B 212 6.47 -21.31 8.91
CA ASN B 212 6.60 -20.46 10.10
C ASN B 212 7.66 -20.90 11.07
N THR B 213 8.86 -20.57 10.64
CA THR B 213 10.10 -20.86 11.34
C THR B 213 10.51 -19.52 11.84
N LYS B 214 10.70 -19.42 13.14
CA LYS B 214 11.17 -18.25 13.75
C LYS B 214 12.32 -19.14 14.44
N VAL B 215 13.65 -18.97 14.24
CA VAL B 215 14.67 -19.93 14.88
C VAL B 215 15.79 -19.10 15.58
N ASP B 216 16.18 -19.45 16.81
CA ASP B 216 17.29 -18.76 17.40
C ASP B 216 18.63 -19.51 17.69
N LYS B 217 19.79 -18.99 17.25
CA LYS B 217 21.15 -19.53 17.54
C LYS B 217 22.05 -18.35 17.94
N ARG B 218 22.81 -18.52 19.00
CA ARG B 218 23.67 -17.46 19.51
C ARG B 218 25.13 -17.79 19.12
N VAL B 219 25.89 -16.79 18.70
CA VAL B 219 27.28 -16.98 18.28
C VAL B 219 28.31 -16.73 19.40
N GLU B 220 29.13 -17.75 19.61
CA GLU B 220 30.20 -17.83 20.62
C GLU B 220 31.63 -18.04 20.07
N PRO B 221 32.61 -17.37 20.72
CA PRO B 221 34.06 -17.52 20.44
C PRO B 221 34.60 -18.94 20.65
N ASP C 5 -28.73 26.88 -19.20
CA ASP C 5 -28.24 25.60 -18.71
C ASP C 5 -28.70 25.30 -17.29
N THR C 6 -28.46 24.07 -16.85
CA THR C 6 -28.93 23.63 -15.54
C THR C 6 -27.81 22.99 -14.71
N ILE C 7 -27.98 22.97 -13.40
CA ILE C 7 -27.16 22.13 -12.57
C ILE C 7 -28.05 21.52 -11.50
N CYS C 8 -27.81 20.25 -11.20
CA CYS C 8 -28.59 19.55 -10.21
C CYS C 8 -27.65 19.00 -9.15
N ILE C 9 -28.18 18.93 -7.94
CA ILE C 9 -27.54 18.39 -6.76
C ILE C 9 -28.25 17.09 -6.49
N GLY C 10 -27.52 16.03 -6.19
CA GLY C 10 -28.16 14.75 -6.10
C GLY C 10 -27.50 13.90 -5.05
N TYR C 11 -28.07 12.72 -4.82
CA TYR C 11 -27.47 11.84 -3.84
C TYR C 11 -27.31 10.52 -4.55
N HIS C 12 -26.49 9.67 -3.97
CA HIS C 12 -26.15 8.43 -4.59
C HIS C 12 -27.27 7.42 -4.61
N ALA C 13 -27.29 6.62 -5.66
CA ALA C 13 -28.14 5.45 -5.71
C ALA C 13 -27.35 4.35 -6.38
N ASN C 14 -27.77 3.11 -6.16
CA ASN C 14 -27.12 1.98 -6.81
C ASN C 14 -28.04 0.77 -6.95
N ASN C 15 -27.46 -0.37 -7.31
CA ASN C 15 -28.24 -1.56 -7.57
C ASN C 15 -28.24 -2.53 -6.40
N SER C 16 -27.85 -2.02 -5.22
CA SER C 16 -27.83 -2.80 -3.98
C SER C 16 -29.22 -3.29 -3.59
N THR C 17 -29.34 -4.55 -3.20
CA THR C 17 -30.64 -5.05 -2.73
C THR C 17 -30.71 -5.19 -1.21
N ASP C 18 -29.66 -4.74 -0.54
CA ASP C 18 -29.55 -4.80 0.91
C ASP C 18 -30.61 -3.95 1.61
N THR C 19 -31.15 -4.46 2.74
CA THR C 19 -32.18 -3.74 3.52
C THR C 19 -31.97 -3.72 5.04
N VAL C 20 -32.51 -2.67 5.66
CA VAL C 20 -32.48 -2.46 7.12
C VAL C 20 -33.80 -2.02 7.71
N ASP C 21 -33.85 -2.09 9.03
CA ASP C 21 -35.00 -1.67 9.80
C ASP C 21 -34.61 -0.42 10.56
N THR C 22 -35.59 0.46 10.72
CA THR C 22 -35.45 1.67 11.52
C THR C 22 -36.53 1.61 12.58
N VAL C 23 -36.55 2.58 13.48
CA VAL C 23 -37.58 2.59 14.50
C VAL C 23 -38.92 2.68 13.78
N LEU C 24 -39.00 3.66 12.90
CA LEU C 24 -40.20 4.04 12.15
C LEU C 24 -40.60 3.14 10.98
N GLU C 25 -39.61 2.63 10.28
CA GLU C 25 -39.85 1.84 9.08
C GLU C 25 -39.18 0.45 8.85
N LYS C 26 -39.71 -0.42 7.98
CA LYS C 26 -39.18 -1.79 7.87
C LYS C 26 -38.66 -2.14 6.50
N ASN C 27 -37.56 -2.89 6.46
CA ASN C 27 -36.88 -3.37 5.22
C ASN C 27 -36.64 -2.24 4.31
N VAL C 28 -36.11 -1.10 4.71
CA VAL C 28 -35.76 -0.14 3.70
C VAL C 28 -34.51 -0.52 2.92
N THR C 29 -34.58 -0.41 1.60
CA THR C 29 -33.38 -0.71 0.86
C THR C 29 -32.50 0.53 0.82
N VAL C 30 -31.22 0.32 1.15
CA VAL C 30 -30.21 1.37 1.21
C VAL C 30 -28.99 0.97 0.38
N THR C 31 -28.20 1.93 -0.09
CA THR C 31 -27.04 1.52 -0.89
C THR C 31 -25.90 0.76 -0.16
N HIS C 32 -25.58 1.14 1.09
CA HIS C 32 -24.58 0.36 1.87
C HIS C 32 -24.72 0.37 3.40
N SER C 33 -24.42 -0.78 4.02
CA SER C 33 -24.45 -0.97 5.48
C SER C 33 -23.44 -2.02 5.91
N VAL C 34 -23.10 -2.00 7.19
CA VAL C 34 -22.22 -3.00 7.74
C VAL C 34 -23.07 -3.86 8.70
N ASN C 35 -22.71 -5.14 8.78
CA ASN C 35 -23.37 -6.19 9.55
C ASN C 35 -22.48 -6.40 10.77
N LEU C 36 -23.07 -6.23 11.94
CA LEU C 36 -22.38 -6.23 13.22
C LEU C 36 -22.08 -7.57 13.88
N LEU C 37 -22.53 -8.68 13.32
CA LEU C 37 -22.46 -9.95 14.04
C LEU C 37 -21.34 -10.77 13.43
N GLU C 38 -20.20 -10.69 14.11
CA GLU C 38 -18.94 -11.33 13.75
C GLU C 38 -19.00 -12.85 13.91
N CYS C 47 -27.50 -13.32 17.83
CA CYS C 47 -28.54 -13.91 18.66
C CYS C 47 -29.85 -14.15 17.92
N SER C 48 -30.71 -13.14 17.95
CA SER C 48 -32.01 -13.22 17.30
C SER C 48 -31.86 -13.09 15.77
N ALA C 49 -30.63 -12.76 15.36
CA ALA C 49 -30.17 -12.78 13.98
C ALA C 49 -30.63 -11.57 13.14
N LYS C 50 -30.98 -10.46 13.79
CA LYS C 50 -31.35 -9.24 13.07
C LYS C 50 -30.55 -8.01 13.49
N LEU C 51 -29.31 -7.81 13.06
CA LEU C 51 -28.64 -6.55 13.47
C LEU C 51 -27.88 -5.73 12.41
N ARG C 52 -28.50 -5.45 11.26
CA ARG C 52 -27.84 -4.65 10.23
C ARG C 52 -27.87 -3.15 10.56
N MET C 53 -26.73 -2.50 10.48
CA MET C 53 -26.66 -1.04 10.70
C MET C 53 -26.29 -0.27 9.43
N VAL C 54 -27.09 0.72 9.10
CA VAL C 54 -26.92 1.51 7.87
C VAL C 54 -25.75 2.48 7.95
N THR C 55 -25.03 2.59 6.84
CA THR C 55 -24.04 3.64 6.62
C THR C 55 -24.42 4.46 5.41
N GLY C 56 -24.98 3.80 4.41
CA GLY C 56 -25.34 4.45 3.16
C GLY C 56 -26.64 5.23 3.32
N LEU C 57 -27.22 5.68 2.21
CA LEU C 57 -28.46 6.43 2.28
C LEU C 57 -29.62 5.61 1.70
N ARG C 58 -30.85 6.12 1.85
CA ARG C 58 -32.02 5.42 1.32
C ARG C 58 -31.84 5.19 -0.17
N ASN C 59 -32.12 3.97 -0.62
CA ASN C 59 -31.85 3.69 -2.01
C ASN C 59 -33.09 3.97 -2.83
N LYS C 60 -33.02 5.03 -3.61
CA LYS C 60 -34.11 5.51 -4.43
C LYS C 60 -33.46 5.91 -5.74
N PRO C 61 -33.21 4.91 -6.60
CA PRO C 61 -32.69 5.05 -7.96
C PRO C 61 -33.60 5.78 -8.92
N SER C 62 -33.02 6.50 -9.88
CA SER C 62 -33.75 7.34 -10.82
C SER C 62 -34.71 6.44 -11.60
N LYS C 63 -34.45 6.17 -12.88
CA LYS C 63 -35.02 5.00 -13.58
C LYS C 63 -34.22 4.63 -14.85
N GLN C 64 -34.07 5.56 -15.79
CA GLN C 64 -33.50 5.23 -17.09
C GLN C 64 -32.08 4.67 -16.99
N GLY D 4 -36.33 9.71 -18.38
CA GLY D 4 -36.37 10.39 -19.66
C GLY D 4 -35.43 11.58 -19.71
N ALA D 5 -35.80 12.64 -18.99
CA ALA D 5 -34.94 13.80 -18.84
C ALA D 5 -33.78 13.44 -17.93
N ILE D 6 -33.69 14.11 -16.80
CA ILE D 6 -32.78 13.66 -15.75
C ILE D 6 -33.58 13.63 -14.45
N ALA D 7 -33.16 14.36 -13.42
CA ALA D 7 -33.80 14.20 -12.13
C ALA D 7 -33.66 15.41 -11.23
N GLY D 8 -32.94 15.18 -10.14
CA GLY D 8 -33.06 16.03 -8.99
C GLY D 8 -33.76 15.25 -7.90
N PHE D 9 -33.21 15.37 -6.70
CA PHE D 9 -33.74 14.83 -5.45
C PHE D 9 -35.15 14.32 -5.35
N THR D 10 -36.07 15.27 -5.53
CA THR D 10 -37.45 15.16 -5.11
C THR D 10 -38.03 13.80 -5.45
N GLU D 11 -37.75 13.33 -6.66
CA GLU D 11 -38.34 12.08 -7.11
C GLU D 11 -37.33 10.96 -7.25
N GLY D 12 -36.12 11.15 -6.72
CA GLY D 12 -35.14 10.07 -6.71
C GLY D 12 -33.68 10.45 -6.60
N GLY D 13 -32.86 9.47 -6.23
CA GLY D 13 -31.43 9.64 -6.17
C GLY D 13 -30.78 9.28 -7.49
N TRP D 14 -29.47 9.39 -7.56
CA TRP D 14 -28.77 9.23 -8.83
C TRP D 14 -27.88 7.99 -8.86
N THR D 15 -28.32 6.99 -9.62
CA THR D 15 -27.53 5.79 -9.83
C THR D 15 -26.18 6.15 -10.45
N GLY D 16 -26.21 7.10 -11.37
CA GLY D 16 -25.04 7.48 -12.13
C GLY D 16 -23.98 8.19 -11.31
N MET D 17 -24.38 8.86 -10.25
CA MET D 17 -23.39 9.53 -9.42
C MET D 17 -22.78 8.52 -8.45
N VAL D 18 -21.47 8.29 -8.61
CA VAL D 18 -20.79 7.27 -7.84
C VAL D 18 -19.60 7.84 -7.07
N ASP D 19 -19.24 9.08 -7.38
CA ASP D 19 -18.08 9.72 -6.76
C ASP D 19 -18.31 10.04 -5.29
N GLY D 20 -19.56 9.93 -4.84
CA GLY D 20 -19.91 10.23 -3.47
C GLY D 20 -21.36 10.00 -3.12
N TRP D 21 -21.68 10.14 -1.84
CA TRP D 21 -23.06 10.11 -1.39
C TRP D 21 -23.79 11.30 -1.95
N TYR D 22 -23.32 12.48 -1.59
CA TYR D 22 -23.90 13.73 -2.04
C TYR D 22 -23.09 14.31 -3.20
N GLY D 23 -23.73 15.12 -4.03
CA GLY D 23 -23.02 15.74 -5.13
C GLY D 23 -23.91 16.30 -6.22
N TYR D 24 -23.27 16.77 -7.29
CA TYR D 24 -23.98 17.53 -8.30
C TYR D 24 -23.94 16.92 -9.69
N HIS D 25 -24.74 17.50 -10.58
CA HIS D 25 -24.53 17.34 -12.01
C HIS D 25 -25.19 18.46 -12.77
N HIS D 26 -24.55 18.84 -13.87
CA HIS D 26 -24.81 20.07 -14.58
C HIS D 26 -25.02 19.79 -16.05
N GLN D 27 -25.81 20.59 -16.73
CA GLN D 27 -25.86 20.50 -18.18
C GLN D 27 -25.80 21.84 -18.88
N ASN D 28 -24.57 22.32 -19.06
CA ASN D 28 -24.29 23.40 -19.98
C ASN D 28 -24.15 22.84 -21.39
N GLU D 29 -23.88 23.69 -22.38
CA GLU D 29 -23.89 23.22 -23.76
C GLU D 29 -22.72 22.28 -24.10
N GLN D 30 -21.73 22.19 -23.22
CA GLN D 30 -20.63 21.26 -23.45
C GLN D 30 -21.11 19.81 -23.41
N GLY D 31 -21.60 19.38 -22.24
CA GLY D 31 -22.05 18.01 -22.11
C GLY D 31 -22.32 17.59 -20.68
N SER D 32 -22.90 16.40 -20.53
CA SER D 32 -23.27 15.87 -19.22
C SER D 32 -22.05 15.46 -18.41
N GLY D 33 -22.26 15.07 -17.16
CA GLY D 33 -21.19 14.62 -16.30
C GLY D 33 -21.47 14.80 -14.81
N TYR D 34 -21.77 13.68 -14.15
CA TYR D 34 -22.03 13.68 -12.71
C TYR D 34 -20.76 14.05 -11.92
N ALA D 35 -20.88 15.05 -11.05
CA ALA D 35 -19.76 15.45 -10.21
C ALA D 35 -20.18 15.50 -8.74
N ALA D 36 -19.64 14.59 -7.93
CA ALA D 36 -20.07 14.47 -6.54
C ALA D 36 -19.24 15.33 -5.59
N ASP D 37 -19.91 15.75 -4.52
CA ASP D 37 -19.35 16.69 -3.55
C ASP D 37 -18.46 16.00 -2.53
N GLN D 38 -17.15 16.02 -2.76
CA GLN D 38 -16.21 15.46 -1.80
C GLN D 38 -16.30 16.22 -0.49
N LYS D 39 -16.50 17.54 -0.62
CA LYS D 39 -16.65 18.46 0.51
C LYS D 39 -17.35 17.86 1.71
N SER D 40 -18.63 17.54 1.52
CA SER D 40 -19.49 17.13 2.62
C SER D 40 -19.79 15.64 2.62
N THR D 41 -19.39 14.95 1.55
CA THR D 41 -19.53 13.50 1.55
C THR D 41 -18.55 12.93 2.56
N GLN D 42 -17.41 13.62 2.69
CA GLN D 42 -16.36 13.19 3.61
C GLN D 42 -16.75 13.43 5.07
N ASN D 43 -17.04 14.67 5.42
CA ASN D 43 -17.34 15.02 6.81
C ASN D 43 -18.60 14.31 7.30
N ALA D 44 -19.41 13.85 6.35
CA ALA D 44 -20.54 13.00 6.69
C ALA D 44 -20.03 11.65 7.14
N ILE D 45 -19.32 10.97 6.25
CA ILE D 45 -18.77 9.64 6.50
C ILE D 45 -17.99 9.58 7.81
N ASN D 46 -17.12 10.58 8.02
CA ASN D 46 -16.33 10.66 9.23
C ASN D 46 -17.18 10.56 10.49
N GLY D 47 -18.28 11.30 10.52
CA GLY D 47 -19.22 11.24 11.61
C GLY D 47 -19.97 9.93 11.59
N ILE D 48 -20.38 9.51 10.39
CA ILE D 48 -21.04 8.23 10.20
C ILE D 48 -20.16 7.12 10.73
N THR D 49 -18.87 7.18 10.38
CA THR D 49 -17.90 6.22 10.85
C THR D 49 -17.80 6.26 12.37
N ASN D 50 -17.82 7.47 12.91
CA ASN D 50 -17.71 7.65 14.36
C ASN D 50 -18.95 7.15 15.09
N LYS D 51 -20.07 7.09 14.39
CA LYS D 51 -21.29 6.57 14.99
C LYS D 51 -21.19 5.06 15.13
N VAL D 52 -20.43 4.45 14.23
CA VAL D 52 -20.31 3.01 14.19
C VAL D 52 -19.61 2.47 15.42
N ASN D 53 -18.34 2.83 15.58
CA ASN D 53 -17.56 2.33 16.70
C ASN D 53 -18.20 2.73 18.03
N SER D 54 -18.88 3.87 18.03
CA SER D 54 -19.60 4.31 19.21
C SER D 54 -20.72 3.36 19.54
N VAL D 55 -21.27 2.70 18.51
CA VAL D 55 -22.24 1.65 18.73
C VAL D 55 -21.55 0.37 19.17
N ILE D 56 -20.51 0.00 18.42
CA ILE D 56 -19.83 -1.27 18.63
C ILE D 56 -18.91 -1.27 19.87
N GLU D 57 -18.85 -0.13 20.54
CA GLU D 57 -18.08 0.00 21.77
C GLU D 57 -18.88 -0.57 22.94
N LYS D 58 -20.18 -0.74 22.72
CA LYS D 58 -21.06 -1.18 23.79
C LYS D 58 -21.18 -2.69 23.82
N MET D 59 -20.83 -3.36 22.73
CA MET D 59 -20.88 -4.82 22.68
C MET D 59 -19.96 -5.41 23.74
N ASN D 60 -20.55 -6.09 24.71
CA ASN D 60 -19.83 -6.73 25.83
C ASN D 60 -19.35 -5.67 26.84
N THR D 61 -19.64 -5.96 28.11
CA THR D 61 -19.35 -5.07 29.25
C THR D 61 -17.88 -5.10 29.65
N MET D 77 -29.35 -25.27 41.18
CA MET D 77 -28.46 -24.16 40.87
C MET D 77 -27.89 -24.32 39.46
N LYS D 78 -27.92 -25.54 38.95
CA LYS D 78 -27.44 -25.83 37.61
C LYS D 78 -28.17 -24.98 36.58
N GLN D 79 -29.50 -24.99 36.62
CA GLN D 79 -30.23 -24.23 35.64
C GLN D 79 -30.32 -22.76 36.04
N ILE D 80 -29.96 -22.44 37.28
CA ILE D 80 -29.87 -21.03 37.66
C ILE D 80 -28.85 -20.31 36.79
N GLU D 81 -27.67 -20.92 36.66
CA GLU D 81 -26.60 -20.33 35.86
C GLU D 81 -27.01 -20.16 34.41
N ASP D 82 -27.59 -21.21 33.84
CA ASP D 82 -28.09 -21.16 32.47
C ASP D 82 -29.16 -20.11 32.33
N LYS D 83 -30.24 -20.28 33.09
CA LYS D 83 -31.38 -19.37 33.08
C LYS D 83 -30.94 -17.91 33.21
N ILE D 84 -29.79 -17.68 33.82
CA ILE D 84 -29.20 -16.34 33.80
C ILE D 84 -28.49 -16.11 32.46
N GLU D 85 -27.62 -17.03 32.07
CA GLU D 85 -26.88 -16.91 30.82
C GLU D 85 -27.82 -16.56 29.67
N GLU D 86 -28.99 -17.19 29.66
CA GLU D 86 -29.96 -16.94 28.61
C GLU D 86 -30.68 -15.62 28.87
N ILE D 87 -30.60 -15.10 30.09
CA ILE D 87 -31.24 -13.81 30.40
C ILE D 87 -30.52 -12.67 29.70
N GLU D 88 -29.19 -12.62 29.79
CA GLU D 88 -28.48 -11.53 29.12
C GLU D 88 -28.17 -11.88 27.67
N SER D 89 -28.40 -13.13 27.28
CA SER D 89 -28.40 -13.45 25.87
C SER D 89 -29.60 -12.75 25.26
N LYS D 90 -30.66 -12.66 26.07
CA LYS D 90 -31.95 -12.08 25.72
C LYS D 90 -31.89 -10.57 25.66
N ILE D 91 -31.50 -9.97 26.79
CA ILE D 91 -31.42 -8.53 26.96
C ILE D 91 -30.53 -7.88 25.91
N TRP D 92 -29.24 -8.18 26.01
CA TRP D 92 -28.21 -7.69 25.10
C TRP D 92 -28.62 -7.78 23.64
N CYS D 93 -29.30 -8.86 23.28
CA CYS D 93 -29.61 -9.15 21.89
C CYS D 93 -30.73 -8.24 21.38
N TYR D 94 -31.60 -7.82 22.28
CA TYR D 94 -32.64 -6.85 21.95
C TYR D 94 -32.15 -5.44 22.22
N ASN D 95 -31.40 -5.29 23.31
CA ASN D 95 -30.65 -4.09 23.60
C ASN D 95 -30.00 -3.55 22.34
N ALA D 96 -29.33 -4.44 21.62
CA ALA D 96 -28.72 -4.09 20.34
C ALA D 96 -29.79 -3.63 19.36
N GLU D 97 -30.81 -4.48 19.19
CA GLU D 97 -31.92 -4.26 18.27
C GLU D 97 -32.53 -2.88 18.49
N LEU D 98 -32.62 -2.50 19.76
CA LEU D 98 -32.99 -1.15 20.15
C LEU D 98 -32.05 -0.14 19.51
N LEU D 99 -30.77 -0.26 19.86
CA LEU D 99 -29.75 0.67 19.43
C LEU D 99 -29.37 0.49 17.97
N VAL D 100 -30.18 -0.24 17.20
CA VAL D 100 -29.92 -0.35 15.77
C VAL D 100 -30.93 0.50 15.01
N LEU D 101 -32.19 0.37 15.39
CA LEU D 101 -33.27 1.11 14.75
C LEU D 101 -33.10 2.60 15.00
N LEU D 102 -32.56 2.94 16.16
CA LEU D 102 -32.37 4.33 16.57
C LEU D 102 -31.46 5.08 15.61
N GLU D 103 -30.16 4.81 15.73
CA GLU D 103 -29.18 5.52 14.94
C GLU D 103 -29.38 5.26 13.45
N ASN D 104 -30.07 4.18 13.10
CA ASN D 104 -30.43 3.94 11.71
C ASN D 104 -31.36 5.03 11.24
N GLU D 105 -32.43 5.27 11.98
CA GLU D 105 -33.38 6.32 11.61
C GLU D 105 -32.69 7.69 11.57
N ARG D 106 -31.90 7.98 12.61
CA ARG D 106 -31.23 9.26 12.71
C ARG D 106 -29.92 9.36 11.91
N THR D 107 -29.49 8.25 11.32
CA THR D 107 -28.46 8.29 10.28
C THR D 107 -29.07 8.89 9.01
N LEU D 108 -30.38 8.68 8.89
CA LEU D 108 -31.18 8.86 7.68
C LEU D 108 -31.92 10.20 7.68
N ASP D 109 -31.93 10.86 8.84
CA ASP D 109 -32.35 12.25 8.91
C ASP D 109 -31.11 13.12 8.78
N PHE D 110 -29.97 12.49 9.08
CA PHE D 110 -28.68 13.14 8.93
C PHE D 110 -28.34 13.29 7.47
N HIS D 111 -28.69 12.27 6.69
CA HIS D 111 -28.49 12.33 5.25
C HIS D 111 -29.33 13.45 4.65
N ASP D 112 -30.65 13.33 4.74
CA ASP D 112 -31.54 14.30 4.12
C ASP D 112 -31.26 15.72 4.62
N SER D 113 -30.82 15.84 5.87
CA SER D 113 -30.46 17.14 6.42
C SER D 113 -29.31 17.78 5.64
N ASN D 114 -28.21 17.04 5.53
CA ASN D 114 -27.01 17.48 4.81
C ASN D 114 -27.29 18.06 3.44
N VAL D 115 -28.23 17.48 2.70
CA VAL D 115 -28.26 17.78 1.29
C VAL D 115 -29.28 18.90 1.03
N LYS D 116 -30.19 19.13 1.97
CA LYS D 116 -30.93 20.39 2.01
C LYS D 116 -29.96 21.47 2.49
N ASN D 117 -28.99 21.05 3.29
CA ASN D 117 -27.86 21.91 3.60
C ASN D 117 -26.99 22.04 2.36
N LEU D 118 -27.03 21.03 1.49
CA LEU D 118 -26.33 21.08 0.20
C LEU D 118 -27.26 21.69 -0.87
N TYR D 119 -28.14 22.55 -0.40
CA TYR D 119 -29.06 23.32 -1.22
C TYR D 119 -28.83 24.77 -0.87
N GLU D 120 -28.99 25.08 0.42
CA GLU D 120 -28.60 26.34 1.03
C GLU D 120 -27.16 26.68 0.63
N LYS D 121 -26.40 25.60 0.43
CA LYS D 121 -25.20 25.56 -0.41
C LYS D 121 -25.03 26.77 -1.34
N VAL D 122 -25.96 27.00 -2.25
CA VAL D 122 -25.80 28.08 -3.21
C VAL D 122 -27.09 28.81 -3.55
N LYS D 123 -28.14 28.59 -2.78
CA LYS D 123 -29.23 29.55 -2.85
C LYS D 123 -28.69 30.77 -2.12
N SER D 124 -27.76 30.48 -1.22
CA SER D 124 -26.90 31.46 -0.60
C SER D 124 -25.67 31.74 -1.46
N GLN D 125 -25.78 31.47 -2.77
CA GLN D 125 -24.71 31.75 -3.74
C GLN D 125 -25.26 31.97 -5.16
N LEU D 126 -26.09 31.07 -5.68
CA LEU D 126 -26.70 31.24 -7.01
C LEU D 126 -27.76 32.34 -7.04
N LYS D 127 -28.12 32.83 -5.86
CA LYS D 127 -28.90 34.06 -5.75
C LYS D 127 -30.19 34.09 -6.58
N ASN D 128 -30.17 34.82 -7.69
CA ASN D 128 -31.35 35.02 -8.54
C ASN D 128 -30.95 35.08 -10.01
N ASN D 129 -30.24 34.02 -10.41
CA ASN D 129 -29.49 33.96 -11.65
C ASN D 129 -29.93 32.68 -12.31
N ALA D 130 -30.28 31.76 -11.43
CA ALA D 130 -31.17 30.65 -11.70
C ALA D 130 -32.23 30.76 -10.62
N LYS D 131 -33.37 30.11 -10.81
CA LYS D 131 -34.33 30.08 -9.73
C LYS D 131 -35.04 28.75 -9.74
N GLU D 132 -35.17 28.18 -8.55
CA GLU D 132 -35.82 26.89 -8.28
C GLU D 132 -36.76 26.41 -9.39
N ILE D 133 -36.39 25.30 -10.04
CA ILE D 133 -37.33 24.64 -10.95
C ILE D 133 -38.45 23.98 -10.16
N GLY D 134 -38.17 23.62 -8.91
CA GLY D 134 -39.10 22.81 -8.15
C GLY D 134 -38.93 21.40 -8.65
N ASN D 135 -38.35 20.55 -7.79
CA ASN D 135 -37.75 19.24 -8.09
C ASN D 135 -36.33 19.22 -7.55
N GLY D 136 -35.73 20.41 -7.52
CA GLY D 136 -34.37 20.56 -7.04
C GLY D 136 -33.39 20.62 -8.20
N CYS D 137 -33.61 21.56 -9.09
CA CYS D 137 -32.67 21.89 -10.15
C CYS D 137 -32.77 23.38 -10.42
N PHE D 138 -32.00 23.89 -11.37
CA PHE D 138 -31.94 25.32 -11.62
C PHE D 138 -31.64 25.65 -13.07
N GLU D 139 -32.33 26.64 -13.63
CA GLU D 139 -32.02 27.10 -14.97
C GLU D 139 -31.48 28.53 -14.90
N PHE D 140 -30.26 28.72 -15.41
CA PHE D 140 -29.53 29.96 -15.25
C PHE D 140 -30.02 31.09 -16.19
N TYR D 141 -30.05 32.32 -15.66
CA TYR D 141 -30.32 33.54 -16.46
C TYR D 141 -28.96 34.02 -16.96
N HIS D 142 -28.19 33.06 -17.42
CA HIS D 142 -26.75 33.15 -17.57
C HIS D 142 -26.56 32.04 -18.56
N LYS D 143 -25.35 31.86 -19.07
CA LYS D 143 -24.96 30.55 -19.56
C LYS D 143 -23.67 30.21 -18.85
N CYS D 144 -23.73 29.15 -18.06
CA CYS D 144 -22.67 28.81 -17.12
C CYS D 144 -21.84 27.61 -17.56
N ASN D 145 -20.69 27.89 -18.18
CA ASN D 145 -19.82 26.84 -18.70
C ASN D 145 -19.04 26.08 -17.63
N ASP D 146 -18.03 25.31 -18.04
CA ASP D 146 -17.25 24.52 -17.08
C ASP D 146 -16.68 25.48 -16.04
N GLU D 147 -15.95 26.47 -16.54
CA GLU D 147 -15.70 27.76 -15.88
C GLU D 147 -16.47 28.01 -14.60
N CYS D 148 -17.78 27.86 -14.75
CA CYS D 148 -18.77 28.48 -13.90
C CYS D 148 -19.32 27.51 -12.87
N MET D 149 -19.65 26.30 -13.32
CA MET D 149 -20.15 25.26 -12.42
C MET D 149 -19.04 24.84 -11.47
N GLU D 150 -17.81 24.89 -11.95
CA GLU D 150 -16.64 24.61 -11.14
C GLU D 150 -16.55 25.58 -9.97
N SER D 151 -16.81 26.86 -10.24
CA SER D 151 -16.80 27.88 -9.21
C SER D 151 -17.89 27.63 -8.18
N VAL D 152 -19.05 27.17 -8.66
CA VAL D 152 -20.14 26.76 -7.78
C VAL D 152 -19.66 25.63 -6.88
N LYS D 153 -19.12 24.60 -7.52
CA LYS D 153 -18.56 23.45 -6.83
C LYS D 153 -17.47 23.88 -5.85
N ASN D 154 -16.64 24.83 -6.27
CA ASN D 154 -15.58 25.34 -5.42
C ASN D 154 -16.14 26.09 -4.22
N GLY D 155 -17.33 26.67 -4.40
CA GLY D 155 -17.86 27.60 -3.43
C GLY D 155 -17.36 28.99 -3.80
N THR D 156 -16.64 29.05 -4.91
CA THR D 156 -16.08 30.30 -5.41
C THR D 156 -17.18 31.27 -5.83
N TYR D 157 -18.06 30.76 -6.70
CA TYR D 157 -19.16 31.49 -7.35
C TYR D 157 -19.45 32.90 -6.84
N ASP D 158 -18.81 33.87 -7.48
CA ASP D 158 -18.90 35.29 -7.17
C ASP D 158 -20.28 35.76 -7.66
N TYR D 159 -20.65 37.03 -7.52
CA TYR D 159 -21.77 37.46 -8.36
C TYR D 159 -21.68 38.86 -8.96
N PRO D 160 -20.82 39.73 -8.43
CA PRO D 160 -20.33 40.69 -9.42
C PRO D 160 -19.91 40.02 -10.75
N LYS D 161 -19.70 38.70 -10.76
CA LYS D 161 -19.83 37.84 -11.94
C LYS D 161 -20.27 38.59 -13.16
N TYR D 162 -21.58 38.61 -13.31
CA TYR D 162 -22.27 39.31 -14.36
C TYR D 162 -23.71 39.39 -13.95
N SER D 163 -23.92 40.16 -12.90
CA SER D 163 -25.26 40.47 -12.44
C SER D 163 -26.11 41.01 -13.57
N GLU D 164 -25.66 42.13 -14.12
CA GLU D 164 -26.30 42.79 -15.26
C GLU D 164 -27.06 41.89 -16.24
N GLU D 165 -26.37 41.08 -17.03
CA GLU D 165 -27.06 40.24 -18.01
C GLU D 165 -28.18 39.38 -17.39
N SER D 166 -27.94 38.77 -16.25
CA SER D 166 -28.99 38.04 -15.56
C SER D 166 -30.13 38.96 -15.20
N LYS D 167 -29.80 40.12 -14.63
CA LYS D 167 -30.82 41.15 -14.40
C LYS D 167 -31.55 41.45 -15.70
N LEU D 168 -30.83 41.46 -16.82
CA LEU D 168 -31.52 41.62 -18.10
C LEU D 168 -32.25 40.29 -18.36
N ASN D 169 -31.50 39.22 -18.59
CA ASN D 169 -32.05 37.87 -18.82
C ASN D 169 -33.31 37.59 -18.01
N ARG D 170 -33.28 38.07 -16.77
CA ARG D 170 -34.43 38.12 -15.85
C ARG D 170 -35.71 38.55 -16.57
N GLU D 171 -35.55 39.51 -17.48
CA GLU D 171 -36.63 40.05 -18.34
C GLU D 171 -37.68 39.05 -18.79
N LYS D 172 -37.31 37.78 -18.80
CA LYS D 172 -38.13 36.72 -19.38
C LYS D 172 -39.44 36.55 -18.61
#